data_9E70
#
_entry.id   9E70
#
_cell.length_a   60.91
_cell.length_b   63.97
_cell.length_c   363.15
_cell.angle_alpha   90
_cell.angle_beta   90
_cell.angle_gamma   90
#
_symmetry.space_group_name_H-M   'P 21 21 21'
#
loop_
_entity.id
_entity.type
_entity.pdbx_description
1 polymer "5'-3' exoribonuclease 1"
2 non-polymer "ADENOSINE-3'-5'-DIPHOSPHATE"
3 non-polymer 'MAGNESIUM ION'
4 non-polymer 1,2-ETHANEDIOL
5 non-polymer 'CHLORIDE ION'
6 non-polymer DI(HYDROXYETHYL)ETHER
7 water water
#
_entity_poly.entity_id   1
_entity_poly.type   'polypeptide(L)'
_entity_poly.pdbx_seq_one_letter_code
;MGVPKFYRWISERYPCLSEVVKEHQIPEFDNLYLDMNGIIHQCSHPNDDDVHFRISDDKIFTDIFHYLEVLFRIIKPRKV
FFMAVDGVAPRAKMNQQRGRRFRSAKEAEDKIKKAIEKGETLPTEARFDSNCITPGTEFMARLHEHLKYFVNMKISTDKS
WQGVTIYFSGHETPGEGEHKIMEFIRSEKAKPDHDPNTRHCLYGLDADLIMLGLTSHEAHFSLLREEVRFGGKKTQRVCA
PEETTFHLLHLSLMREYIDYEFSVLKEKITFKYDIERIIDDWILMGFLVGNDFIPHLPHLHINHDALPLLYGTYVTILPE
LGGYINESGHLNLPRFEKYLVKLSDFDREHFSEVFVDLKWFESKVGNKYLNEAAGVAAEEARNYKEKKKLKGQENSLCWT
ALDKNEGEMITSKDNLEDETEDDDLFETEFRQYKRTYYMTKMGVDVVSDDFLADQAACYVQAIQWILHYYYHGVQSWSWY
YPYHYAPFLSDIHNISTLKIHFELGKPFKPFEQLLAVLPAASKNLLPACYQHLMTNEDSPIIEYYPPDFKTDLNGKQQEW
EAVVLIPFIDEKRLLEAMETCNHSLKKEERKRNQHSECLMCWYDRDTEFIYPSPWPEKFPAIERCCTRYKIISLDAWRVD
INKNKITRIDQKADYKDDDDK
;
_entity_poly.pdbx_strand_id   A,B
#
# COMPACT_ATOMS: atom_id res chain seq x y z
N GLY A 2 13.49 -10.78 12.47
CA GLY A 2 12.63 -9.85 11.72
C GLY A 2 13.40 -9.15 10.59
N VAL A 3 12.67 -8.25 9.89
CA VAL A 3 13.22 -7.48 8.78
C VAL A 3 12.95 -6.00 9.05
N PRO A 4 13.65 -5.07 8.37
CA PRO A 4 13.34 -3.65 8.50
C PRO A 4 12.00 -3.30 7.86
N LYS A 5 11.39 -2.22 8.36
CA LYS A 5 10.05 -1.77 8.02
C LYS A 5 9.91 -1.56 6.51
N PHE A 6 10.84 -0.83 5.89
CA PHE A 6 10.65 -0.56 4.48
C PHE A 6 10.73 -1.85 3.65
N TYR A 7 11.66 -2.76 4.00
CA TYR A 7 11.70 -4.06 3.33
C TYR A 7 10.35 -4.79 3.45
N ARG A 8 9.82 -4.87 4.68
CA ARG A 8 8.58 -5.54 5.01
C ARG A 8 7.48 -4.93 4.15
N TRP A 9 7.51 -3.59 4.06
CA TRP A 9 6.48 -2.87 3.33
C TRP A 9 6.47 -3.28 1.86
N ILE A 10 7.64 -3.27 1.20
CA ILE A 10 7.65 -3.60 -0.21
C ILE A 10 7.34 -5.08 -0.43
N SER A 11 7.64 -5.92 0.55
CA SER A 11 7.31 -7.34 0.57
C SER A 11 5.79 -7.55 0.56
N GLU A 12 5.06 -6.67 1.26
CA GLU A 12 3.62 -6.73 1.33
C GLU A 12 3.00 -6.08 0.08
N ARG A 13 3.61 -5.00 -0.42
CA ARG A 13 3.01 -4.32 -1.55
C ARG A 13 3.20 -5.15 -2.83
N TYR A 14 4.37 -5.80 -2.96
CA TYR A 14 4.65 -6.60 -4.14
C TYR A 14 4.95 -8.02 -3.65
N PRO A 15 3.95 -8.94 -3.64
CA PRO A 15 4.04 -10.15 -2.83
C PRO A 15 4.91 -11.26 -3.42
N CYS A 16 5.11 -11.21 -4.74
CA CYS A 16 5.92 -12.18 -5.47
C CYS A 16 7.29 -11.57 -5.76
N LEU A 17 7.80 -10.81 -4.78
CA LEU A 17 9.01 -10.03 -4.96
C LEU A 17 10.16 -10.64 -4.17
N SER A 18 9.86 -10.99 -2.92
CA SER A 18 10.91 -11.37 -2.00
C SER A 18 10.67 -12.78 -1.46
N GLU A 19 11.53 -13.72 -1.89
CA GLU A 19 11.55 -15.10 -1.45
C GLU A 19 12.36 -15.23 -0.16
N VAL A 20 12.16 -16.33 0.56
CA VAL A 20 13.09 -16.84 1.54
C VAL A 20 13.64 -18.15 0.98
N VAL A 21 14.96 -18.22 0.78
CA VAL A 21 15.55 -19.34 0.05
C VAL A 21 16.56 -20.04 0.94
N LYS A 22 16.80 -21.33 0.65
CA LYS A 22 17.84 -22.07 1.36
C LYS A 22 19.16 -21.74 0.66
N GLU A 23 20.28 -22.01 1.34
CA GLU A 23 21.61 -21.76 0.80
C GLU A 23 21.73 -22.27 -0.63
N HIS A 24 21.31 -23.52 -0.84
CA HIS A 24 21.63 -24.24 -2.06
C HIS A 24 20.89 -23.59 -3.22
N GLN A 25 19.91 -22.73 -2.92
CA GLN A 25 19.15 -22.08 -3.96
C GLN A 25 19.59 -20.63 -4.20
N ILE A 26 20.62 -20.14 -3.48
CA ILE A 26 21.14 -18.81 -3.75
C ILE A 26 21.74 -18.78 -5.18
N PRO A 27 21.29 -17.89 -6.08
CA PRO A 27 21.88 -17.83 -7.42
C PRO A 27 23.34 -17.39 -7.35
N GLU A 28 24.01 -17.51 -8.49
CA GLU A 28 25.39 -17.12 -8.70
C GLU A 28 25.48 -15.59 -8.72
N PHE A 29 26.60 -15.04 -8.22
CA PHE A 29 26.78 -13.60 -8.17
C PHE A 29 28.19 -13.30 -8.67
N ASP A 30 28.38 -12.18 -9.40
CA ASP A 30 29.73 -11.76 -9.76
C ASP A 30 30.41 -10.91 -8.65
N ASN A 31 29.64 -9.95 -8.11
CA ASN A 31 30.16 -8.92 -7.21
C ASN A 31 29.38 -9.02 -5.88
N LEU A 32 30.08 -9.06 -4.75
CA LEU A 32 29.44 -9.00 -3.42
C LEU A 32 29.96 -7.74 -2.73
N TYR A 33 29.02 -6.94 -2.20
CA TYR A 33 29.34 -5.71 -1.48
C TYR A 33 28.85 -5.90 -0.04
N LEU A 34 29.74 -5.63 0.93
CA LEU A 34 29.45 -5.79 2.35
C LEU A 34 29.86 -4.54 3.12
N ASP A 35 28.89 -3.83 3.69
CA ASP A 35 29.14 -2.79 4.65
C ASP A 35 29.22 -3.49 6.01
N MET A 36 30.30 -3.30 6.76
CA MET A 36 30.69 -4.17 7.87
CA MET A 36 30.57 -4.23 7.85
C MET A 36 30.11 -3.70 9.22
N ASN A 37 29.66 -2.45 9.31
CA ASN A 37 29.37 -1.84 10.61
C ASN A 37 28.32 -2.64 11.43
N GLY A 38 27.27 -3.13 10.77
CA GLY A 38 26.25 -3.87 11.50
C GLY A 38 26.87 -5.13 12.11
N ILE A 39 27.76 -5.76 11.34
CA ILE A 39 28.47 -6.94 11.80
C ILE A 39 29.32 -6.61 13.02
N ILE A 40 30.01 -5.48 13.00
CA ILE A 40 30.89 -5.14 14.11
C ILE A 40 30.06 -4.92 15.37
N HIS A 41 28.90 -4.28 15.24
CA HIS A 41 28.06 -4.02 16.41
C HIS A 41 27.55 -5.35 16.95
N GLN A 42 27.15 -6.28 16.04
CA GLN A 42 26.59 -7.59 16.37
C GLN A 42 27.60 -8.42 17.15
N CYS A 43 28.87 -8.36 16.77
CA CYS A 43 29.91 -9.21 17.36
C CYS A 43 30.47 -8.62 18.64
N SER A 44 30.38 -7.27 18.82
CA SER A 44 30.98 -6.63 20.00
C SER A 44 29.97 -6.42 21.13
N HIS A 45 28.70 -6.21 20.82
CA HIS A 45 27.76 -5.98 21.92
C HIS A 45 26.43 -6.65 21.58
N PRO A 46 26.37 -8.01 21.46
CA PRO A 46 25.12 -8.68 21.13
C PRO A 46 24.06 -8.63 22.24
N ASN A 47 24.46 -8.42 23.48
CA ASN A 47 23.55 -8.66 24.61
C ASN A 47 23.48 -7.45 25.55
N ASP A 48 22.95 -6.33 25.05
CA ASP A 48 23.10 -5.10 25.81
C ASP A 48 22.21 -5.10 27.06
N ASP A 49 21.21 -5.98 27.13
CA ASP A 49 20.40 -6.05 28.33
C ASP A 49 21.09 -6.78 29.47
N ASP A 50 22.26 -7.37 29.20
CA ASP A 50 23.00 -8.03 30.27
C ASP A 50 24.15 -7.13 30.69
N VAL A 51 24.04 -6.47 31.85
CA VAL A 51 25.02 -5.47 32.26
C VAL A 51 26.30 -6.18 32.70
N HIS A 52 26.22 -7.51 32.89
CA HIS A 52 27.38 -8.29 33.29
C HIS A 52 28.24 -8.73 32.09
N PHE A 53 27.69 -8.70 30.89
CA PHE A 53 28.40 -9.30 29.76
C PHE A 53 29.74 -8.59 29.52
N ARG A 54 30.80 -9.40 29.37
CA ARG A 54 32.11 -8.89 29.04
C ARG A 54 32.66 -9.73 27.87
N ILE A 55 33.55 -9.13 27.05
CA ILE A 55 34.05 -9.83 25.86
C ILE A 55 35.41 -9.25 25.49
N SER A 56 36.37 -10.13 25.23
CA SER A 56 37.72 -9.65 24.91
C SER A 56 37.76 -9.25 23.43
N ASP A 57 38.69 -8.36 23.06
CA ASP A 57 38.81 -7.93 21.68
C ASP A 57 39.14 -9.11 20.75
N ASP A 58 39.94 -10.10 21.20
CA ASP A 58 40.32 -11.14 20.26
C ASP A 58 39.10 -12.00 19.95
N LYS A 59 38.21 -12.08 20.94
CA LYS A 59 36.97 -12.78 20.71
C LYS A 59 36.12 -12.01 19.70
N ILE A 60 36.04 -10.68 19.86
CA ILE A 60 35.18 -9.91 18.95
C ILE A 60 35.70 -10.08 17.49
N PHE A 61 37.01 -10.10 17.34
CA PHE A 61 37.65 -10.15 16.02
C PHE A 61 37.43 -11.53 15.40
N THR A 62 37.68 -12.58 16.20
CA THR A 62 37.35 -13.96 15.82
C THR A 62 35.92 -14.04 15.33
N ASP A 63 34.96 -13.47 16.09
CA ASP A 63 33.58 -13.57 15.62
C ASP A 63 33.35 -12.75 14.34
N ILE A 64 34.01 -11.60 14.21
CA ILE A 64 33.85 -10.84 12.96
C ILE A 64 34.40 -11.67 11.78
N PHE A 65 35.57 -12.29 11.98
CA PHE A 65 36.22 -13.09 10.95
C PHE A 65 35.29 -14.22 10.54
N HIS A 66 34.68 -14.88 11.55
CA HIS A 66 33.76 -15.97 11.29
C HIS A 66 32.56 -15.51 10.44
N TYR A 67 31.96 -14.38 10.79
CA TYR A 67 30.79 -13.88 10.06
C TYR A 67 31.13 -13.69 8.56
N LEU A 68 32.31 -13.11 8.30
CA LEU A 68 32.77 -12.76 6.96
C LEU A 68 33.04 -14.03 6.18
N GLU A 69 33.78 -14.94 6.81
CA GLU A 69 34.09 -16.23 6.21
C GLU A 69 32.83 -16.96 5.77
N VAL A 70 31.80 -16.92 6.63
CA VAL A 70 30.57 -17.64 6.34
C VAL A 70 29.82 -16.96 5.20
N LEU A 71 29.64 -15.64 5.22
CA LEU A 71 28.95 -14.97 4.14
C LEU A 71 29.69 -15.18 2.81
N PHE A 72 31.02 -15.11 2.83
CA PHE A 72 31.76 -15.27 1.58
C PHE A 72 31.59 -16.70 1.05
N ARG A 73 31.67 -17.68 1.94
CA ARG A 73 31.56 -19.05 1.50
C ARG A 73 30.20 -19.31 0.82
N ILE A 74 29.15 -18.75 1.43
CA ILE A 74 27.80 -19.04 0.99
C ILE A 74 27.47 -18.27 -0.29
N ILE A 75 27.95 -17.03 -0.41
CA ILE A 75 27.55 -16.22 -1.55
C ILE A 75 28.54 -16.47 -2.72
N LYS A 76 29.82 -16.70 -2.43
CA LYS A 76 30.84 -17.08 -3.41
C LYS A 76 30.84 -16.17 -4.64
N PRO A 77 31.13 -14.86 -4.46
CA PRO A 77 31.17 -13.92 -5.59
C PRO A 77 32.24 -14.44 -6.54
N ARG A 78 31.98 -14.37 -7.84
CA ARG A 78 32.87 -14.95 -8.84
C ARG A 78 33.97 -13.98 -9.24
N LYS A 79 33.72 -12.66 -9.14
CA LYS A 79 34.62 -11.66 -9.68
C LYS A 79 35.15 -10.70 -8.61
N VAL A 80 34.26 -10.11 -7.78
CA VAL A 80 34.64 -9.01 -6.90
C VAL A 80 34.01 -9.21 -5.50
N PHE A 81 34.78 -9.00 -4.43
CA PHE A 81 34.20 -8.79 -3.10
C PHE A 81 34.66 -7.43 -2.55
N PHE A 82 33.70 -6.52 -2.28
CA PHE A 82 34.05 -5.19 -1.76
C PHE A 82 33.55 -5.11 -0.31
N MET A 83 34.50 -5.05 0.66
CA MET A 83 34.16 -4.89 2.07
CA MET A 83 34.21 -4.91 2.08
C MET A 83 34.47 -3.46 2.52
N ALA A 84 33.47 -2.82 3.18
CA ALA A 84 33.67 -1.44 3.63
C ALA A 84 33.33 -1.34 5.13
N VAL A 85 34.12 -0.57 5.90
CA VAL A 85 33.75 -0.10 7.23
C VAL A 85 33.47 1.39 7.04
N ASP A 86 32.50 1.94 7.76
CA ASP A 86 32.20 3.38 7.67
C ASP A 86 33.47 4.18 8.00
N GLY A 87 33.84 5.14 7.13
CA GLY A 87 34.81 6.18 7.47
C GLY A 87 34.08 7.43 7.97
N VAL A 88 34.77 8.58 8.14
CA VAL A 88 34.10 9.80 8.55
C VAL A 88 32.95 10.11 7.59
N ALA A 89 31.83 10.54 8.16
CA ALA A 89 30.64 10.81 7.40
C ALA A 89 30.54 12.31 7.11
N PRO A 90 29.74 12.69 6.10
CA PRO A 90 29.39 14.09 5.87
C PRO A 90 28.75 14.58 7.17
N ARG A 91 28.83 15.87 7.42
CA ARG A 91 28.24 16.52 8.60
C ARG A 91 26.72 16.44 8.56
N ALA A 92 26.19 16.17 7.38
CA ALA A 92 24.76 15.90 7.28
C ALA A 92 24.34 14.79 8.23
N LYS A 93 25.27 13.92 8.61
CA LYS A 93 24.91 12.78 9.45
C LYS A 93 25.21 13.07 10.92
N MET A 94 25.86 14.20 11.22
CA MET A 94 26.49 14.45 12.52
C MET A 94 25.47 14.39 13.66
N ASN A 95 24.28 14.98 13.40
CA ASN A 95 23.26 15.08 14.44
C ASN A 95 22.78 13.67 14.77
N GLN A 96 22.53 12.86 13.73
CA GLN A 96 22.01 11.53 14.04
C GLN A 96 23.09 10.64 14.67
N GLN A 97 24.35 10.84 14.28
CA GLN A 97 25.43 10.08 14.90
C GLN A 97 25.56 10.44 16.40
N ARG A 98 25.43 11.73 16.71
CA ARG A 98 25.45 12.24 18.08
C ARG A 98 24.30 11.65 18.88
N GLY A 99 23.10 11.73 18.29
CA GLY A 99 21.87 11.21 18.85
C GLY A 99 22.04 9.77 19.29
N ARG A 100 22.53 8.90 18.40
CA ARG A 100 22.73 7.50 18.77
C ARG A 100 23.77 7.31 19.89
N ARG A 101 24.87 8.06 19.83
CA ARG A 101 25.93 7.82 20.80
C ARG A 101 25.53 8.35 22.19
N PHE A 102 24.90 9.53 22.24
CA PHE A 102 24.37 10.08 23.50
C PHE A 102 23.35 9.11 24.10
N ARG A 103 22.38 8.61 23.33
CA ARG A 103 21.41 7.68 23.88
C ARG A 103 22.05 6.37 24.35
N SER A 104 22.97 5.86 23.54
CA SER A 104 23.65 4.65 23.90
C SER A 104 24.28 4.74 25.30
N ALA A 105 25.03 5.81 25.58
CA ALA A 105 25.66 5.98 26.88
C ALA A 105 24.60 6.15 27.97
N LYS A 106 23.57 6.94 27.72
CA LYS A 106 22.47 7.11 28.68
C LYS A 106 21.79 5.77 28.99
N GLU A 107 21.48 4.98 27.94
CA GLU A 107 20.77 3.73 28.15
C GLU A 107 21.63 2.75 28.93
N ALA A 108 22.92 2.68 28.60
CA ALA A 108 23.84 1.80 29.32
C ALA A 108 23.85 2.10 30.83
N GLU A 109 24.04 3.37 31.16
CA GLU A 109 24.04 3.86 32.55
C GLU A 109 22.72 3.54 33.28
N ASP A 110 21.59 3.73 32.62
CA ASP A 110 20.31 3.38 33.22
CA ASP A 110 20.27 3.37 33.15
C ASP A 110 20.25 1.88 33.55
N LYS A 111 20.71 1.02 32.64
CA LYS A 111 20.73 -0.40 32.95
C LYS A 111 21.57 -0.72 34.19
N ILE A 112 22.76 -0.11 34.30
CA ILE A 112 23.69 -0.33 35.41
C ILE A 112 23.02 0.12 36.72
N LYS A 113 22.38 1.29 36.68
CA LYS A 113 21.77 1.91 37.86
C LYS A 113 20.69 0.93 38.38
N LYS A 114 19.91 0.37 37.47
CA LYS A 114 18.84 -0.57 37.81
C LYS A 114 19.37 -1.89 38.37
N ALA A 115 20.48 -2.39 37.81
CA ALA A 115 21.08 -3.62 38.29
C ALA A 115 21.54 -3.44 39.73
N ILE A 116 22.13 -2.28 40.01
CA ILE A 116 22.67 -2.02 41.32
C ILE A 116 21.53 -1.80 42.31
N GLU A 117 20.37 -1.29 41.84
CA GLU A 117 19.18 -1.10 42.68
C GLU A 117 18.67 -2.44 43.19
N LYS A 118 18.93 -3.52 42.44
CA LYS A 118 18.51 -4.86 42.82
C LYS A 118 19.65 -5.52 43.56
N GLY A 119 20.71 -4.75 43.86
CA GLY A 119 21.80 -5.31 44.64
C GLY A 119 22.72 -6.25 43.86
N GLU A 120 22.71 -6.20 42.51
CA GLU A 120 23.73 -6.89 41.74
C GLU A 120 25.09 -6.20 41.84
N THR A 121 26.13 -7.02 41.71
CA THR A 121 27.50 -6.53 41.65
C THR A 121 28.05 -6.83 40.26
N LEU A 122 28.51 -5.78 39.59
CA LEU A 122 28.96 -5.86 38.21
C LEU A 122 30.42 -6.24 38.20
N PRO A 123 30.93 -6.77 37.06
CA PRO A 123 32.36 -7.01 36.90
C PRO A 123 33.07 -5.68 37.12
N THR A 124 34.28 -5.71 37.71
CA THR A 124 35.02 -4.46 37.89
C THR A 124 35.67 -4.00 36.58
N GLU A 125 35.94 -4.91 35.65
CA GLU A 125 36.44 -4.47 34.34
C GLU A 125 35.32 -3.76 33.56
N ALA A 126 35.70 -2.71 32.83
CA ALA A 126 34.80 -1.83 32.09
C ALA A 126 34.03 -2.60 31.01
N ARG A 127 32.76 -2.26 30.82
CA ARG A 127 32.01 -2.86 29.75
C ARG A 127 32.54 -2.33 28.41
N PHE A 128 32.11 -2.98 27.33
CA PHE A 128 32.54 -2.48 26.04
C PHE A 128 31.70 -1.25 25.68
N ASP A 129 32.37 -0.13 25.44
CA ASP A 129 31.62 1.08 25.05
C ASP A 129 31.39 1.05 23.55
N SER A 130 30.14 0.79 23.12
CA SER A 130 29.85 0.66 21.71
C SER A 130 30.13 1.95 20.93
N ASN A 131 30.21 3.09 21.64
CA ASN A 131 30.57 4.35 21.00
C ASN A 131 31.97 4.24 20.40
N CYS A 132 32.75 3.22 20.81
CA CYS A 132 34.09 3.09 20.24
C CYS A 132 34.02 2.67 18.76
N ILE A 133 32.85 2.24 18.26
CA ILE A 133 32.71 1.91 16.85
C ILE A 133 32.45 3.18 16.05
N THR A 134 33.52 3.95 15.87
CA THR A 134 33.50 5.30 15.30
C THR A 134 34.89 5.46 14.70
N PRO A 135 35.07 6.09 13.52
CA PRO A 135 36.41 6.09 12.92
C PRO A 135 37.43 6.71 13.86
N GLY A 136 38.61 6.09 13.90
CA GLY A 136 39.83 6.62 14.49
C GLY A 136 40.00 6.29 15.97
N THR A 137 39.05 5.56 16.60
CA THR A 137 39.30 5.03 17.93
C THR A 137 40.42 4.00 17.93
N GLU A 138 40.97 3.75 19.12
CA GLU A 138 41.99 2.75 19.34
C GLU A 138 41.40 1.40 18.93
N PHE A 139 40.14 1.17 19.28
CA PHE A 139 39.47 -0.08 18.98
C PHE A 139 39.31 -0.25 17.47
N MET A 140 38.93 0.80 16.74
CA MET A 140 38.80 0.71 15.29
C MET A 140 40.15 0.54 14.59
N ALA A 141 41.23 1.12 15.13
CA ALA A 141 42.53 0.94 14.49
C ALA A 141 42.98 -0.52 14.70
N ARG A 142 42.75 -1.08 15.90
CA ARG A 142 43.10 -2.49 16.15
CA ARG A 142 43.10 -2.48 16.14
C ARG A 142 42.29 -3.38 15.21
N LEU A 143 40.97 -3.12 15.12
CA LEU A 143 40.11 -3.93 14.29
C LEU A 143 40.58 -3.89 12.83
N HIS A 144 40.96 -2.71 12.38
CA HIS A 144 41.37 -2.46 11.01
C HIS A 144 42.58 -3.34 10.68
N GLU A 145 43.57 -3.34 11.59
CA GLU A 145 44.74 -4.18 11.46
C GLU A 145 44.36 -5.66 11.31
N HIS A 146 43.42 -6.10 12.14
CA HIS A 146 42.93 -7.48 12.11
C HIS A 146 42.19 -7.78 10.80
N LEU A 147 41.44 -6.80 10.26
CA LEU A 147 40.67 -7.13 9.07
C LEU A 147 41.59 -7.27 7.84
N LYS A 148 42.62 -6.43 7.78
CA LYS A 148 43.65 -6.54 6.74
C LYS A 148 44.34 -7.90 6.88
N TYR A 149 44.62 -8.30 8.12
CA TYR A 149 45.28 -9.59 8.36
C TYR A 149 44.37 -10.72 7.84
N PHE A 150 43.07 -10.60 8.12
CA PHE A 150 42.12 -11.64 7.76
C PHE A 150 42.05 -11.77 6.23
N VAL A 151 41.96 -10.66 5.50
CA VAL A 151 41.96 -10.65 4.05
C VAL A 151 43.18 -11.39 3.51
N ASN A 152 44.35 -11.04 4.02
CA ASN A 152 45.60 -11.63 3.55
C ASN A 152 45.62 -13.13 3.86
N MET A 153 45.09 -13.52 5.03
CA MET A 153 45.06 -14.91 5.47
CA MET A 153 45.10 -14.92 5.44
C MET A 153 44.18 -15.71 4.52
N LYS A 154 42.99 -15.17 4.25
CA LYS A 154 42.04 -15.85 3.38
C LYS A 154 42.64 -16.00 1.98
N ILE A 155 43.15 -14.89 1.44
CA ILE A 155 43.69 -14.89 0.09
C ILE A 155 44.78 -15.96 0.03
N SER A 156 45.57 -16.08 1.10
CA SER A 156 46.75 -16.92 1.06
C SER A 156 46.42 -18.42 1.23
N THR A 157 45.20 -18.75 1.68
CA THR A 157 44.93 -20.10 2.16
C THR A 157 43.69 -20.72 1.57
N ASP A 158 42.74 -19.91 1.08
CA ASP A 158 41.43 -20.42 0.71
C ASP A 158 41.25 -20.20 -0.79
N LYS A 159 41.13 -21.30 -1.56
CA LYS A 159 40.96 -21.22 -3.01
C LYS A 159 39.74 -20.41 -3.43
N SER A 160 38.69 -20.31 -2.59
CA SER A 160 37.57 -19.52 -3.11
C SER A 160 37.85 -18.01 -3.02
N TRP A 161 38.90 -17.66 -2.26
CA TRP A 161 39.30 -16.26 -2.22
C TRP A 161 40.38 -15.95 -3.26
N GLN A 162 40.70 -16.92 -4.11
CA GLN A 162 41.80 -16.79 -5.06
C GLN A 162 41.18 -16.57 -6.42
N GLY A 163 41.69 -15.62 -7.21
CA GLY A 163 41.05 -15.36 -8.50
C GLY A 163 39.83 -14.44 -8.40
N VAL A 164 39.67 -13.77 -7.25
CA VAL A 164 38.66 -12.74 -7.05
C VAL A 164 39.38 -11.48 -6.59
N THR A 165 38.93 -10.32 -7.05
CA THR A 165 39.52 -9.08 -6.58
C THR A 165 38.84 -8.69 -5.26
N ILE A 166 39.62 -8.54 -4.17
CA ILE A 166 39.05 -8.12 -2.89
C ILE A 166 39.35 -6.64 -2.70
N TYR A 167 38.32 -5.84 -2.43
CA TYR A 167 38.58 -4.48 -2.01
C TYR A 167 38.25 -4.38 -0.53
N PHE A 168 39.12 -3.67 0.21
CA PHE A 168 38.82 -3.30 1.60
C PHE A 168 39.01 -1.79 1.78
N SER A 169 37.87 -1.12 1.98
CA SER A 169 37.78 0.31 2.31
C SER A 169 37.39 0.47 3.78
N GLY A 170 38.39 0.68 4.63
CA GLY A 170 38.19 0.67 6.08
C GLY A 170 37.88 2.06 6.67
N HIS A 171 37.99 2.14 8.01
CA HIS A 171 37.47 3.27 8.75
C HIS A 171 38.27 4.54 8.49
N GLU A 172 39.46 4.43 7.87
CA GLU A 172 40.22 5.65 7.65
C GLU A 172 39.97 6.24 6.25
N THR A 173 39.10 5.62 5.46
CA THR A 173 38.70 6.10 4.15
C THR A 173 37.35 6.78 4.25
N PRO A 174 37.25 8.12 4.07
CA PRO A 174 36.01 8.84 4.36
C PRO A 174 34.85 8.32 3.54
N GLY A 175 33.68 8.35 4.17
CA GLY A 175 32.41 7.99 3.54
C GLY A 175 31.78 6.86 4.37
N GLU A 176 30.44 6.90 4.50
CA GLU A 176 29.68 5.73 4.87
C GLU A 176 30.00 4.58 3.90
N GLY A 177 30.03 3.35 4.45
CA GLY A 177 30.32 2.14 3.73
C GLY A 177 29.47 2.01 2.45
N GLU A 178 28.16 2.23 2.59
CA GLU A 178 27.26 2.00 1.47
C GLU A 178 27.56 2.99 0.33
N HIS A 179 27.96 4.21 0.69
CA HIS A 179 28.24 5.20 -0.34
C HIS A 179 29.64 5.07 -0.94
N LYS A 180 30.58 4.50 -0.17
CA LYS A 180 31.84 4.09 -0.78
C LYS A 180 31.56 2.92 -1.75
N ILE A 181 30.67 2.01 -1.38
CA ILE A 181 30.25 0.95 -2.30
C ILE A 181 29.63 1.53 -3.58
N MET A 182 28.80 2.56 -3.43
CA MET A 182 28.13 3.15 -4.59
C MET A 182 29.15 3.85 -5.50
N GLU A 183 30.14 4.53 -4.90
CA GLU A 183 31.17 5.17 -5.69
C GLU A 183 31.90 4.12 -6.54
N PHE A 184 32.19 2.97 -5.94
CA PHE A 184 32.79 1.85 -6.62
C PHE A 184 31.91 1.41 -7.80
N ILE A 185 30.63 1.13 -7.55
CA ILE A 185 29.69 0.73 -8.58
C ILE A 185 29.69 1.73 -9.76
N ARG A 186 29.72 3.03 -9.48
CA ARG A 186 29.70 4.03 -10.53
C ARG A 186 31.02 3.97 -11.30
N SER A 187 32.14 3.67 -10.64
CA SER A 187 33.42 3.65 -11.32
C SER A 187 33.44 2.43 -12.24
N GLU A 188 32.71 1.40 -11.87
CA GLU A 188 32.62 0.19 -12.68
C GLU A 188 31.78 0.46 -13.93
N LYS A 189 30.68 1.20 -13.78
CA LYS A 189 29.77 1.48 -14.89
C LYS A 189 30.42 2.41 -15.91
N ALA A 190 31.35 3.26 -15.45
CA ALA A 190 32.05 4.24 -16.27
C ALA A 190 32.95 3.56 -17.29
N LYS A 191 33.36 2.32 -17.01
CA LYS A 191 34.27 1.59 -17.88
C LYS A 191 33.61 1.17 -19.19
N PRO A 192 34.31 1.36 -20.35
CA PRO A 192 33.79 0.92 -21.66
C PRO A 192 33.36 -0.55 -21.74
N ASP A 193 34.13 -1.43 -21.09
CA ASP A 193 33.90 -2.86 -21.13
C ASP A 193 33.04 -3.34 -19.96
N HIS A 194 32.37 -2.44 -19.25
CA HIS A 194 31.50 -2.88 -18.18
C HIS A 194 30.42 -3.78 -18.77
N ASP A 195 30.19 -4.91 -18.11
CA ASP A 195 29.21 -5.87 -18.56
C ASP A 195 27.87 -5.54 -17.92
N PRO A 196 26.82 -5.14 -18.71
CA PRO A 196 25.51 -4.78 -18.17
C PRO A 196 24.86 -5.95 -17.46
N ASN A 197 25.40 -7.15 -17.69
CA ASN A 197 24.80 -8.34 -17.11
C ASN A 197 25.48 -8.72 -15.79
N THR A 198 26.48 -7.95 -15.35
CA THR A 198 27.11 -8.20 -14.05
C THR A 198 26.03 -8.52 -13.01
N ARG A 199 26.21 -9.59 -12.22
CA ARG A 199 25.26 -9.92 -11.17
C ARG A 199 25.77 -9.41 -9.81
N HIS A 200 25.06 -8.43 -9.24
CA HIS A 200 25.50 -7.79 -8.01
C HIS A 200 24.68 -8.29 -6.83
N CYS A 201 25.36 -8.50 -5.71
CA CYS A 201 24.73 -8.85 -4.47
C CYS A 201 25.19 -7.86 -3.39
N LEU A 202 24.20 -7.25 -2.73
CA LEU A 202 24.45 -6.31 -1.65
C LEU A 202 23.84 -6.90 -0.38
N TYR A 203 24.68 -7.10 0.64
CA TYR A 203 24.25 -7.74 1.86
C TYR A 203 23.45 -6.74 2.70
N GLY A 204 22.32 -7.18 3.27
CA GLY A 204 21.49 -6.29 4.08
C GLY A 204 20.14 -6.01 3.41
N LEU A 205 19.19 -5.52 4.20
CA LEU A 205 17.80 -5.30 3.81
C LEU A 205 17.35 -3.89 4.10
N ASP A 206 18.25 -3.04 4.63
CA ASP A 206 17.99 -1.64 4.97
C ASP A 206 17.56 -0.80 3.77
N ALA A 207 16.74 0.22 4.08
CA ALA A 207 16.09 1.04 3.08
C ALA A 207 17.12 1.75 2.22
N ASP A 208 18.21 2.28 2.83
CA ASP A 208 19.21 2.95 1.99
C ASP A 208 19.84 2.00 0.96
N LEU A 209 19.97 0.72 1.32
CA LEU A 209 20.57 -0.27 0.45
C LEU A 209 19.63 -0.55 -0.72
N ILE A 210 18.32 -0.61 -0.43
CA ILE A 210 17.33 -0.82 -1.48
C ILE A 210 17.43 0.32 -2.46
N MET A 211 17.50 1.55 -1.90
CA MET A 211 17.50 2.75 -2.72
C MET A 211 18.78 2.84 -3.53
N LEU A 212 19.92 2.48 -2.93
CA LEU A 212 21.18 2.56 -3.66
CA LEU A 212 21.18 2.57 -3.67
C LEU A 212 21.18 1.57 -4.83
N GLY A 213 20.74 0.34 -4.56
CA GLY A 213 20.55 -0.68 -5.60
C GLY A 213 19.78 -0.16 -6.83
N LEU A 214 18.63 0.50 -6.58
CA LEU A 214 17.78 1.06 -7.60
C LEU A 214 18.47 2.25 -8.26
N THR A 215 19.18 3.06 -7.45
CA THR A 215 19.83 4.23 -8.00
C THR A 215 20.94 3.81 -8.97
N SER A 216 21.48 2.62 -8.78
CA SER A 216 22.53 2.14 -9.68
C SER A 216 22.01 1.95 -11.11
N HIS A 217 20.71 1.69 -11.27
CA HIS A 217 20.12 1.33 -12.57
C HIS A 217 20.82 0.12 -13.18
N GLU A 218 21.42 -0.71 -12.34
CA GLU A 218 22.02 -1.95 -12.80
C GLU A 218 20.91 -2.97 -13.01
N ALA A 219 20.96 -3.73 -14.11
CA ALA A 219 19.87 -4.65 -14.43
C ALA A 219 19.72 -5.82 -13.45
N HIS A 220 20.84 -6.32 -12.90
CA HIS A 220 20.72 -7.48 -12.02
C HIS A 220 21.41 -7.20 -10.69
N PHE A 221 20.66 -6.64 -9.76
CA PHE A 221 21.22 -6.29 -8.48
C PHE A 221 20.27 -6.87 -7.45
N SER A 222 20.80 -7.63 -6.49
CA SER A 222 19.97 -8.29 -5.49
C SER A 222 20.48 -7.93 -4.13
N LEU A 223 19.59 -7.96 -3.13
CA LEU A 223 19.92 -7.86 -1.72
C LEU A 223 19.67 -9.22 -1.08
N LEU A 224 20.46 -9.55 -0.06
CA LEU A 224 20.43 -10.83 0.61
C LEU A 224 20.79 -10.60 2.06
N ARG A 225 20.11 -11.30 2.97
CA ARG A 225 20.46 -11.32 4.39
C ARG A 225 19.90 -12.60 4.99
N GLU A 226 20.60 -13.17 5.95
CA GLU A 226 20.15 -14.42 6.55
C GLU A 226 18.89 -14.16 7.35
N GLU A 227 17.95 -15.11 7.26
CA GLU A 227 16.64 -15.03 7.89
C GLU A 227 16.79 -14.94 9.40
N VAL A 228 17.67 -15.77 9.97
CA VAL A 228 17.99 -15.79 11.40
C VAL A 228 19.49 -15.55 11.52
N ARG A 229 19.85 -14.67 12.46
CA ARG A 229 21.21 -14.13 12.60
C ARG A 229 22.15 -15.27 13.01
N PHE A 230 23.44 -15.07 12.75
CA PHE A 230 24.46 -16.05 13.14
C PHE A 230 24.95 -15.71 14.56
N GLU A 243 21.44 -25.68 6.25
CA GLU A 243 19.96 -25.66 6.34
C GLU A 243 19.46 -24.22 6.50
N THR A 244 20.40 -23.25 6.51
CA THR A 244 20.07 -21.86 6.76
C THR A 244 19.32 -21.26 5.55
N THR A 245 18.42 -20.31 5.86
CA THR A 245 17.53 -19.63 4.93
C THR A 245 17.90 -18.15 4.86
N PHE A 246 17.51 -17.49 3.76
CA PHE A 246 17.94 -16.13 3.48
C PHE A 246 16.83 -15.38 2.76
N HIS A 247 16.67 -14.11 3.13
CA HIS A 247 15.82 -13.22 2.38
C HIS A 247 16.58 -12.83 1.15
N LEU A 248 15.91 -12.87 0.01
CA LEU A 248 16.55 -12.54 -1.24
C LEU A 248 15.63 -11.62 -2.02
N LEU A 249 16.10 -10.41 -2.28
CA LEU A 249 15.27 -9.49 -3.02
C LEU A 249 15.96 -9.18 -4.34
N HIS A 250 15.28 -9.47 -5.46
CA HIS A 250 15.86 -9.22 -6.77
C HIS A 250 15.33 -7.88 -7.22
N LEU A 251 16.24 -6.92 -7.42
CA LEU A 251 15.81 -5.63 -7.92
C LEU A 251 15.37 -5.68 -9.39
N SER A 252 15.82 -6.68 -10.16
CA SER A 252 15.28 -6.82 -11.52
C SER A 252 13.75 -6.93 -11.46
N LEU A 253 13.26 -7.71 -10.48
CA LEU A 253 11.84 -7.96 -10.29
C LEU A 253 11.15 -6.69 -9.80
N MET A 254 11.76 -6.04 -8.80
CA MET A 254 11.23 -4.78 -8.29
C MET A 254 11.06 -3.77 -9.42
N ARG A 255 12.06 -3.65 -10.31
CA ARG A 255 11.96 -2.72 -11.43
C ARG A 255 10.70 -3.03 -12.26
N GLU A 256 10.51 -4.30 -12.66
CA GLU A 256 9.34 -4.71 -13.44
C GLU A 256 8.05 -4.29 -12.75
N TYR A 257 7.94 -4.62 -11.45
CA TYR A 257 6.77 -4.32 -10.63
C TYR A 257 6.44 -2.85 -10.72
N ILE A 258 7.47 -2.00 -10.56
CA ILE A 258 7.27 -0.57 -10.61
C ILE A 258 6.89 -0.16 -12.03
N ASP A 259 7.48 -0.82 -13.03
CA ASP A 259 7.18 -0.49 -14.41
C ASP A 259 5.68 -0.64 -14.63
N TYR A 260 5.11 -1.68 -14.02
CA TYR A 260 3.68 -1.94 -14.14
C TYR A 260 2.91 -0.89 -13.36
N GLU A 261 3.21 -0.76 -12.05
CA GLU A 261 2.48 0.10 -11.11
C GLU A 261 2.19 1.45 -11.76
N PHE A 262 3.00 1.85 -12.75
CA PHE A 262 2.99 3.21 -13.28
C PHE A 262 2.74 3.24 -14.78
N SER A 263 2.54 2.07 -15.42
CA SER A 263 2.37 2.05 -16.86
CA SER A 263 2.34 2.00 -16.87
C SER A 263 1.09 2.76 -17.30
N VAL A 264 0.09 2.80 -16.41
CA VAL A 264 -1.13 3.56 -16.61
C VAL A 264 -0.80 4.96 -17.11
N LEU A 265 0.39 5.46 -16.75
CA LEU A 265 0.74 6.83 -17.11
C LEU A 265 1.08 6.90 -18.59
N LYS A 266 1.35 5.75 -19.22
CA LYS A 266 1.95 5.66 -20.55
C LYS A 266 1.22 6.53 -21.57
N GLU A 267 -0.11 6.65 -21.41
CA GLU A 267 -0.96 7.32 -22.38
C GLU A 267 -1.29 8.75 -21.94
N LYS A 268 -1.28 8.98 -20.62
CA LYS A 268 -1.80 10.20 -20.03
C LYS A 268 -0.80 11.36 -20.18
N ILE A 269 0.46 11.06 -20.53
CA ILE A 269 1.55 12.03 -20.39
C ILE A 269 2.00 12.57 -21.76
N THR A 270 2.53 13.80 -21.71
CA THR A 270 2.88 14.63 -22.85
C THR A 270 4.25 14.21 -23.40
N PHE A 271 4.99 13.50 -22.56
CA PHE A 271 6.40 13.22 -22.77
C PHE A 271 6.60 11.71 -22.73
N LYS A 272 7.80 11.31 -23.19
CA LYS A 272 8.25 9.93 -23.27
C LYS A 272 8.20 9.25 -21.90
N TYR A 273 7.48 8.12 -21.84
CA TYR A 273 7.50 7.27 -20.67
C TYR A 273 8.74 6.40 -20.73
N ASP A 274 9.51 6.41 -19.62
CA ASP A 274 10.80 5.75 -19.53
C ASP A 274 10.95 5.17 -18.12
N ILE A 275 11.02 3.84 -18.04
CA ILE A 275 11.06 3.13 -16.77
C ILE A 275 12.17 3.69 -15.87
N GLU A 276 13.31 4.06 -16.47
CA GLU A 276 14.45 4.55 -15.72
C GLU A 276 14.06 5.84 -15.00
N ARG A 277 13.40 6.75 -15.73
CA ARG A 277 12.94 8.00 -15.16
C ARG A 277 11.88 7.77 -14.07
N ILE A 278 11.05 6.74 -14.20
CA ILE A 278 10.00 6.47 -13.22
C ILE A 278 10.64 6.01 -11.90
N ILE A 279 11.73 5.24 -12.03
CA ILE A 279 12.42 4.69 -10.87
C ILE A 279 13.06 5.85 -10.09
N ASP A 280 13.59 6.81 -10.83
CA ASP A 280 14.13 8.02 -10.25
C ASP A 280 13.08 8.70 -9.36
N ASP A 281 11.86 8.83 -9.89
CA ASP A 281 10.83 9.55 -9.18
C ASP A 281 10.35 8.72 -8.00
N TRP A 282 10.36 7.40 -8.18
CA TRP A 282 9.97 6.46 -7.14
C TRP A 282 10.94 6.59 -5.96
N ILE A 283 12.24 6.71 -6.27
CA ILE A 283 13.27 6.82 -5.25
C ILE A 283 13.13 8.16 -4.53
N LEU A 284 12.82 9.22 -5.29
CA LEU A 284 12.60 10.54 -4.69
C LEU A 284 11.49 10.49 -3.64
N MET A 285 10.39 9.83 -3.98
CA MET A 285 9.26 9.75 -3.07
C MET A 285 9.66 9.02 -1.79
N GLY A 286 10.54 8.02 -1.94
CA GLY A 286 11.03 7.25 -0.81
C GLY A 286 11.67 8.12 0.27
N PHE A 287 12.37 9.18 -0.17
CA PHE A 287 13.03 10.08 0.76
C PHE A 287 12.06 10.78 1.72
N LEU A 288 10.75 10.91 1.36
CA LEU A 288 9.83 11.73 2.15
C LEU A 288 9.48 11.14 3.53
N VAL A 289 9.70 9.83 3.73
CA VAL A 289 9.41 9.19 5.02
C VAL A 289 10.55 9.35 6.04
N GLY A 290 11.66 10.03 5.68
CA GLY A 290 12.75 10.33 6.59
C GLY A 290 13.88 9.29 6.48
N ASN A 291 15.11 9.70 6.81
CA ASN A 291 16.30 8.86 6.76
C ASN A 291 17.30 9.43 7.77
N ASP A 292 18.58 9.10 7.58
CA ASP A 292 19.61 9.55 8.50
C ASP A 292 19.83 11.06 8.33
N PHE A 293 19.30 11.65 7.24
CA PHE A 293 19.71 12.99 6.82
C PHE A 293 18.60 14.02 6.99
N ILE A 294 17.35 13.59 6.91
CA ILE A 294 16.22 14.51 6.93
C ILE A 294 15.12 13.89 7.80
N PRO A 295 14.52 14.65 8.75
CA PRO A 295 13.45 14.10 9.58
C PRO A 295 12.20 13.92 8.70
N HIS A 296 11.36 12.94 9.04
CA HIS A 296 10.14 12.64 8.29
C HIS A 296 9.19 13.83 8.39
N LEU A 297 8.40 14.03 7.33
CA LEU A 297 7.28 14.97 7.32
C LEU A 297 6.25 14.56 8.37
N PRO A 298 5.62 15.52 9.09
CA PRO A 298 4.65 15.18 10.14
C PRO A 298 3.57 14.25 9.59
N HIS A 299 3.27 13.21 10.40
CA HIS A 299 2.23 12.21 10.18
C HIS A 299 2.54 11.26 9.02
N LEU A 300 3.75 11.35 8.46
CA LEU A 300 4.10 10.54 7.31
C LEU A 300 5.20 9.55 7.68
N HIS A 301 4.79 8.35 8.17
CA HIS A 301 5.64 7.22 8.53
C HIS A 301 5.39 6.05 7.57
N ILE A 302 6.24 5.01 7.62
CA ILE A 302 6.03 3.86 6.75
C ILE A 302 4.90 3.01 7.34
N ASN A 303 3.90 2.75 6.49
CA ASN A 303 2.72 1.95 6.76
C ASN A 303 1.93 1.82 5.46
N HIS A 304 0.65 1.47 5.55
CA HIS A 304 -0.10 1.09 4.35
C HIS A 304 -0.61 2.32 3.56
N ASP A 305 -1.05 3.38 4.26
CA ASP A 305 -1.77 4.50 3.63
C ASP A 305 -0.81 5.56 3.09
N ALA A 306 0.22 5.89 3.89
CA ALA A 306 1.11 7.00 3.60
C ALA A 306 1.69 6.86 2.20
N LEU A 307 2.29 5.70 1.93
CA LEU A 307 3.08 5.48 0.73
C LEU A 307 2.19 5.51 -0.52
N PRO A 308 1.05 4.77 -0.59
CA PRO A 308 0.25 4.74 -1.81
C PRO A 308 -0.22 6.17 -2.04
N LEU A 309 -0.40 6.91 -0.92
CA LEU A 309 -0.79 8.31 -0.99
C LEU A 309 0.26 9.07 -1.78
N LEU A 310 1.54 8.90 -1.39
CA LEU A 310 2.61 9.49 -2.18
C LEU A 310 2.51 9.01 -3.63
N TYR A 311 2.32 7.70 -3.84
CA TYR A 311 2.40 7.13 -5.18
C TYR A 311 1.15 7.47 -5.97
N GLY A 312 -0.02 7.40 -5.30
CA GLY A 312 -1.30 7.78 -5.90
C GLY A 312 -1.29 9.22 -6.37
N THR A 313 -0.70 10.10 -5.53
CA THR A 313 -0.61 11.52 -5.85
C THR A 313 0.27 11.70 -7.09
N TYR A 314 1.32 10.87 -7.17
CA TYR A 314 2.27 10.90 -8.27
C TYR A 314 1.54 10.53 -9.57
N VAL A 315 0.75 9.44 -9.53
CA VAL A 315 -0.09 9.02 -10.64
C VAL A 315 -0.93 10.21 -11.11
N THR A 316 -1.66 10.80 -10.14
CA THR A 316 -2.59 11.89 -10.38
C THR A 316 -1.91 13.08 -11.06
N ILE A 317 -0.71 13.46 -10.59
CA ILE A 317 -0.24 14.80 -10.95
C ILE A 317 0.78 14.73 -12.09
N LEU A 318 1.36 13.55 -12.33
CA LEU A 318 2.44 13.48 -13.28
C LEU A 318 2.00 14.06 -14.64
N PRO A 319 0.87 13.60 -15.22
CA PRO A 319 0.38 14.16 -16.50
C PRO A 319 0.47 15.67 -16.68
N GLU A 320 0.25 16.42 -15.59
CA GLU A 320 0.16 17.88 -15.58
C GLU A 320 1.53 18.52 -15.79
N LEU A 321 2.60 17.78 -15.52
CA LEU A 321 3.93 18.37 -15.56
C LEU A 321 4.52 18.14 -16.95
N GLY A 322 5.56 18.92 -17.28
CA GLY A 322 6.24 18.82 -18.57
C GLY A 322 7.21 17.63 -18.62
N GLY A 323 7.43 16.98 -17.48
CA GLY A 323 8.39 15.88 -17.38
C GLY A 323 8.53 15.38 -15.94
N TYR A 324 9.72 14.85 -15.63
CA TYR A 324 9.91 14.12 -14.38
C TYR A 324 10.37 15.09 -13.30
N ILE A 325 10.29 14.67 -12.03
CA ILE A 325 10.60 15.56 -10.91
C ILE A 325 12.08 15.44 -10.54
N ASN A 326 12.55 14.20 -10.42
CA ASN A 326 13.97 13.92 -10.20
C ASN A 326 14.66 13.61 -11.53
N GLU A 327 15.30 14.63 -12.10
CA GLU A 327 15.94 14.44 -13.39
C GLU A 327 17.39 14.04 -13.16
N SER A 328 17.62 12.73 -13.00
CA SER A 328 18.95 12.15 -12.80
C SER A 328 19.66 12.74 -11.57
N GLY A 329 18.93 13.01 -10.49
CA GLY A 329 19.55 13.54 -9.28
C GLY A 329 19.49 15.06 -9.16
N HIS A 330 19.04 15.76 -10.21
CA HIS A 330 18.77 17.19 -10.12
C HIS A 330 17.28 17.42 -9.92
N LEU A 331 16.93 18.09 -8.82
CA LEU A 331 15.54 18.27 -8.45
C LEU A 331 14.91 19.34 -9.35
N ASN A 332 13.74 19.06 -9.94
CA ASN A 332 13.03 20.05 -10.74
C ASN A 332 12.04 20.74 -9.80
N LEU A 333 12.42 21.95 -9.38
CA LEU A 333 11.78 22.64 -8.28
C LEU A 333 10.33 23.00 -8.63
N PRO A 334 10.05 23.62 -9.81
CA PRO A 334 8.65 23.85 -10.21
C PRO A 334 7.80 22.58 -10.10
N ARG A 335 8.29 21.45 -10.66
CA ARG A 335 7.50 20.24 -10.61
C ARG A 335 7.36 19.70 -9.18
N PHE A 336 8.43 19.82 -8.37
CA PHE A 336 8.41 19.26 -7.04
C PHE A 336 7.37 20.01 -6.19
N GLU A 337 7.29 21.32 -6.42
CA GLU A 337 6.36 22.19 -5.70
C GLU A 337 4.91 21.75 -5.95
N LYS A 338 4.55 21.71 -7.23
CA LYS A 338 3.23 21.24 -7.66
C LYS A 338 2.91 19.94 -6.92
N TYR A 339 3.83 18.98 -6.97
CA TYR A 339 3.65 17.68 -6.31
C TYR A 339 3.37 17.83 -4.80
N LEU A 340 4.24 18.58 -4.10
CA LEU A 340 4.11 18.70 -2.66
C LEU A 340 2.78 19.36 -2.34
N VAL A 341 2.45 20.41 -3.09
CA VAL A 341 1.21 21.16 -2.89
C VAL A 341 0.02 20.21 -2.90
N LYS A 342 -0.08 19.36 -3.93
CA LYS A 342 -1.15 18.38 -4.01
C LYS A 342 -1.12 17.46 -2.79
N LEU A 343 0.09 17.01 -2.40
CA LEU A 343 0.20 16.00 -1.36
C LEU A 343 -0.27 16.56 -0.03
N SER A 344 -0.13 17.87 0.12
CA SER A 344 -0.42 18.60 1.35
CA SER A 344 -0.41 18.56 1.37
C SER A 344 -1.87 18.42 1.78
N ASP A 345 -2.76 18.12 0.83
CA ASP A 345 -4.14 17.89 1.22
C ASP A 345 -4.19 16.93 2.39
N PHE A 346 -3.18 16.05 2.48
CA PHE A 346 -2.97 15.15 3.59
C PHE A 346 -3.02 15.88 4.94
N ASP A 347 -2.48 17.11 4.99
CA ASP A 347 -2.35 17.81 6.26
C ASP A 347 -3.73 18.22 6.77
N ARG A 348 -4.59 18.70 5.85
CA ARG A 348 -5.87 19.24 6.29
C ARG A 348 -6.76 18.10 6.80
N GLU A 349 -6.76 16.97 6.07
CA GLU A 349 -7.48 15.79 6.48
C GLU A 349 -7.06 15.36 7.88
N HIS A 350 -5.74 15.25 8.10
CA HIS A 350 -5.26 14.85 9.41
C HIS A 350 -5.80 15.82 10.45
N PHE A 351 -5.72 17.13 10.15
CA PHE A 351 -6.14 18.15 11.12
C PHE A 351 -7.65 18.13 11.35
N SER A 352 -8.44 17.95 10.27
CA SER A 352 -9.90 17.95 10.35
C SER A 352 -10.40 16.81 11.25
N GLU A 353 -9.62 15.73 11.35
CA GLU A 353 -9.83 14.72 12.37
C GLU A 353 -9.92 15.41 13.72
N VAL A 354 -8.80 16.00 14.18
CA VAL A 354 -8.73 16.73 15.43
C VAL A 354 -9.43 18.09 15.28
N ASP A 424 -13.42 29.09 6.85
CA ASP A 424 -12.17 29.90 6.95
C ASP A 424 -11.72 29.97 8.41
N LEU A 425 -12.64 29.73 9.35
CA LEU A 425 -12.27 29.50 10.74
C LEU A 425 -11.28 28.34 10.81
N PHE A 426 -11.49 27.35 9.92
CA PHE A 426 -10.66 26.16 9.85
C PHE A 426 -9.21 26.56 9.55
N GLU A 427 -9.00 27.38 8.52
CA GLU A 427 -7.67 27.81 8.11
C GLU A 427 -6.93 28.49 9.28
N THR A 428 -7.70 29.21 10.10
CA THR A 428 -7.15 30.00 11.18
C THR A 428 -6.70 29.05 12.29
N GLU A 429 -7.50 28.02 12.54
CA GLU A 429 -7.23 27.06 13.62
C GLU A 429 -6.06 26.15 13.23
N PHE A 430 -5.99 25.83 11.95
CA PHE A 430 -4.96 25.00 11.36
C PHE A 430 -3.63 25.71 11.56
N ARG A 431 -3.61 27.01 11.25
CA ARG A 431 -2.42 27.82 11.35
C ARG A 431 -1.91 27.83 12.80
N GLN A 432 -2.83 27.72 13.77
CA GLN A 432 -2.48 27.86 15.17
C GLN A 432 -2.03 26.52 15.72
N TYR A 433 -2.66 25.46 15.20
CA TYR A 433 -2.20 24.08 15.29
C TYR A 433 -0.72 24.02 14.88
N LYS A 434 -0.44 24.37 13.63
CA LYS A 434 0.92 24.37 13.07
C LYS A 434 1.85 25.27 13.88
N ARG A 435 1.38 26.45 14.27
CA ARG A 435 2.20 27.38 15.05
C ARG A 435 2.66 26.73 16.35
N THR A 436 1.77 25.96 17.00
CA THR A 436 2.08 25.32 18.26
C THR A 436 3.24 24.33 18.06
N TYR A 437 3.18 23.57 16.95
CA TYR A 437 4.17 22.55 16.68
C TYR A 437 5.54 23.21 16.50
N TYR A 438 5.57 24.30 15.72
CA TYR A 438 6.81 24.98 15.39
C TYR A 438 7.47 25.55 16.67
N MET A 439 6.65 26.06 17.58
CA MET A 439 7.16 26.66 18.82
C MET A 439 7.59 25.55 19.78
N THR A 440 6.78 24.49 19.87
CA THR A 440 6.96 23.45 20.86
C THR A 440 8.06 22.47 20.46
N LYS A 441 8.26 22.26 19.16
CA LYS A 441 9.13 21.17 18.73
C LYS A 441 10.47 21.73 18.24
N MET A 442 10.45 22.95 17.70
CA MET A 442 11.65 23.57 17.16
C MET A 442 12.05 24.76 18.01
N GLY A 443 11.29 24.97 19.11
CA GLY A 443 11.53 26.08 20.04
C GLY A 443 11.78 27.41 19.32
N VAL A 444 11.03 27.67 18.25
CA VAL A 444 11.15 28.96 17.59
C VAL A 444 10.19 29.92 18.28
N ASP A 445 10.49 31.21 18.16
CA ASP A 445 9.85 32.26 18.92
C ASP A 445 8.66 32.83 18.13
N VAL A 446 8.89 33.18 16.86
CA VAL A 446 7.92 33.88 16.02
C VAL A 446 7.64 33.08 14.73
N VAL A 447 6.51 32.38 14.71
CA VAL A 447 6.20 31.52 13.56
C VAL A 447 5.55 32.34 12.46
N SER A 448 6.39 33.06 11.72
CA SER A 448 5.96 33.96 10.66
C SER A 448 6.04 33.33 9.28
N ASP A 449 5.43 34.01 8.31
CA ASP A 449 5.47 33.55 6.93
C ASP A 449 6.91 33.48 6.44
N ASP A 450 7.76 34.36 6.96
CA ASP A 450 9.13 34.38 6.50
C ASP A 450 9.89 33.18 7.08
N PHE A 451 9.65 32.88 8.36
CA PHE A 451 10.17 31.69 8.97
C PHE A 451 9.70 30.43 8.22
N LEU A 452 8.42 30.43 7.79
CA LEU A 452 7.84 29.31 7.08
C LEU A 452 8.51 29.16 5.71
N ALA A 453 8.85 30.28 5.07
CA ALA A 453 9.49 30.20 3.76
C ALA A 453 10.92 29.66 3.94
N ASP A 454 11.52 30.02 5.06
CA ASP A 454 12.84 29.54 5.43
C ASP A 454 12.77 28.02 5.69
N GLN A 455 11.76 27.54 6.41
CA GLN A 455 11.57 26.11 6.60
C GLN A 455 11.49 25.42 5.24
N ALA A 456 10.71 25.99 4.30
CA ALA A 456 10.47 25.35 3.02
C ALA A 456 11.80 25.23 2.28
N ALA A 457 12.60 26.32 2.32
CA ALA A 457 13.90 26.37 1.69
C ALA A 457 14.86 25.33 2.27
N CYS A 458 14.89 25.13 3.61
CA CYS A 458 15.79 24.18 4.21
C CYS A 458 15.43 22.78 3.74
N TYR A 459 14.11 22.53 3.68
CA TYR A 459 13.63 21.20 3.36
C TYR A 459 14.03 20.80 1.95
N VAL A 460 13.83 21.73 1.00
CA VAL A 460 14.05 21.42 -0.40
C VAL A 460 15.55 21.34 -0.65
N GLN A 461 16.33 22.14 0.03
CA GLN A 461 17.78 22.00 -0.08
C GLN A 461 18.24 20.64 0.47
N ALA A 462 17.61 20.15 1.55
CA ALA A 462 17.92 18.83 2.06
C ALA A 462 17.63 17.77 1.00
N ILE A 463 16.47 17.87 0.32
CA ILE A 463 16.07 16.85 -0.64
C ILE A 463 17.10 16.83 -1.77
N GLN A 464 17.51 18.02 -2.20
CA GLN A 464 18.55 18.11 -3.22
C GLN A 464 19.92 17.60 -2.73
N TRP A 465 20.29 17.84 -1.45
CA TRP A 465 21.54 17.29 -0.92
C TRP A 465 21.53 15.76 -1.03
N ILE A 466 20.42 15.12 -0.61
CA ILE A 466 20.29 13.67 -0.60
C ILE A 466 20.38 13.12 -2.02
N LEU A 467 19.72 13.79 -2.98
CA LEU A 467 19.74 13.30 -4.34
C LEU A 467 21.17 13.37 -4.87
N HIS A 468 21.85 14.50 -4.67
CA HIS A 468 23.25 14.57 -5.05
C HIS A 468 23.99 13.39 -4.45
N TYR A 469 23.72 13.13 -3.16
CA TYR A 469 24.54 12.14 -2.44
C TYR A 469 24.38 10.78 -3.11
N TYR A 470 23.16 10.41 -3.46
CA TYR A 470 22.87 9.08 -4.04
C TYR A 470 23.32 8.96 -5.50
N TYR A 471 23.20 10.04 -6.26
CA TYR A 471 23.33 10.01 -7.72
C TYR A 471 24.73 10.44 -8.16
N HIS A 472 25.30 11.44 -7.50
CA HIS A 472 26.53 12.07 -7.94
C HIS A 472 27.66 11.88 -6.93
N GLY A 473 27.39 11.36 -5.72
CA GLY A 473 28.39 11.42 -4.65
C GLY A 473 28.23 12.72 -3.86
N VAL A 474 28.69 12.73 -2.59
CA VAL A 474 28.51 13.87 -1.71
CA VAL A 474 28.58 13.88 -1.69
C VAL A 474 28.89 15.16 -2.46
N GLN A 475 28.02 16.19 -2.35
CA GLN A 475 28.32 17.46 -3.01
C GLN A 475 28.54 18.57 -1.98
N SER A 476 28.34 18.28 -0.69
CA SER A 476 28.84 19.14 0.38
C SER A 476 29.12 18.31 1.64
N TRP A 477 30.35 18.39 2.12
CA TRP A 477 30.74 17.70 3.34
C TRP A 477 30.21 18.44 4.58
N SER A 478 29.87 19.75 4.46
CA SER A 478 29.50 20.56 5.62
C SER A 478 27.97 20.71 5.77
N TRP A 479 27.18 20.59 4.67
CA TRP A 479 25.74 20.84 4.79
C TRP A 479 25.07 19.92 5.82
N TYR A 480 24.07 20.40 6.56
CA TYR A 480 23.29 19.52 7.41
C TYR A 480 21.88 20.10 7.59
N TYR A 481 20.88 19.28 7.87
CA TYR A 481 19.55 19.80 8.19
C TYR A 481 19.53 20.37 9.61
N PRO A 482 19.21 21.66 9.84
CA PRO A 482 19.38 22.26 11.17
C PRO A 482 18.26 22.22 12.19
N TYR A 483 17.28 21.32 12.02
CA TYR A 483 16.20 21.21 12.99
C TYR A 483 15.94 19.75 13.22
N HIS A 484 15.38 19.42 14.41
CA HIS A 484 15.16 18.04 14.81
C HIS A 484 13.86 17.50 14.22
N TYR A 485 13.07 18.37 13.58
CA TYR A 485 11.73 18.04 13.09
C TYR A 485 11.55 18.64 11.71
N ALA A 486 10.72 18.03 10.85
CA ALA A 486 10.47 18.56 9.51
C ALA A 486 9.32 19.57 9.54
N PRO A 487 9.17 20.45 8.51
CA PRO A 487 8.01 21.34 8.43
C PRO A 487 6.77 20.55 8.05
N PHE A 488 5.58 21.14 8.28
CA PHE A 488 4.37 20.56 7.68
C PHE A 488 4.46 20.62 6.16
N LEU A 489 4.03 19.53 5.53
CA LEU A 489 3.98 19.43 4.08
C LEU A 489 3.23 20.62 3.48
N SER A 490 2.27 21.20 4.23
CA SER A 490 1.44 22.31 3.75
C SER A 490 2.17 23.63 3.83
N ASP A 491 3.32 23.64 4.51
CA ASP A 491 4.07 24.87 4.55
C ASP A 491 5.17 24.87 3.49
N ILE A 492 5.31 23.76 2.77
CA ILE A 492 6.43 23.69 1.84
C ILE A 492 5.96 24.14 0.44
N HIS A 493 6.10 25.44 0.20
CA HIS A 493 5.66 26.05 -1.05
C HIS A 493 6.43 27.35 -1.20
N ASN A 494 6.31 27.95 -2.40
CA ASN A 494 7.04 29.15 -2.78
C ASN A 494 8.52 28.87 -2.99
N ILE A 495 8.84 27.73 -3.62
CA ILE A 495 10.23 27.27 -3.66
C ILE A 495 10.66 27.13 -5.12
N SER A 496 9.82 27.57 -6.06
CA SER A 496 9.99 27.15 -7.44
C SER A 496 11.27 27.72 -8.03
N THR A 497 11.67 28.91 -7.58
CA THR A 497 12.76 29.55 -8.28
C THR A 497 13.97 29.67 -7.35
N LEU A 498 13.88 28.99 -6.20
CA LEU A 498 14.93 28.92 -5.18
C LEU A 498 16.28 28.60 -5.81
N LYS A 499 17.32 29.33 -5.39
CA LYS A 499 18.68 29.06 -5.82
C LYS A 499 19.34 28.17 -4.76
N ILE A 500 19.73 26.96 -5.15
CA ILE A 500 20.34 26.00 -4.25
C ILE A 500 21.83 25.93 -4.60
N HIS A 501 22.69 26.26 -3.63
CA HIS A 501 24.12 26.31 -3.83
C HIS A 501 24.84 25.42 -2.79
N PHE A 502 25.68 24.48 -3.24
CA PHE A 502 26.49 23.70 -2.32
C PHE A 502 27.98 23.92 -2.56
N GLU A 503 28.77 23.92 -1.47
CA GLU A 503 30.23 23.88 -1.57
C GLU A 503 30.77 22.49 -1.17
N LEU A 504 31.69 21.95 -1.97
CA LEU A 504 32.11 20.59 -1.71
C LEU A 504 32.73 20.43 -0.32
N GLY A 505 33.65 21.34 0.04
CA GLY A 505 34.42 21.23 1.27
C GLY A 505 35.20 19.93 1.33
N LYS A 506 35.44 19.42 2.55
CA LYS A 506 36.23 18.21 2.73
C LYS A 506 35.83 17.50 4.02
N PRO A 507 36.10 16.16 4.08
CA PRO A 507 35.76 15.36 5.26
C PRO A 507 36.57 15.84 6.45
N PHE A 508 35.97 15.77 7.64
CA PHE A 508 36.76 16.00 8.85
C PHE A 508 37.87 14.95 9.00
N LYS A 509 38.92 15.32 9.73
CA LYS A 509 39.83 14.32 10.24
C LYS A 509 39.10 13.52 11.31
N PRO A 510 39.45 12.24 11.53
CA PRO A 510 38.67 11.39 12.41
C PRO A 510 38.48 11.90 13.85
N PHE A 511 39.50 12.56 14.44
CA PHE A 511 39.38 13.09 15.80
C PHE A 511 38.37 14.25 15.84
N GLU A 512 38.23 15.00 14.74
CA GLU A 512 37.24 16.07 14.62
C GLU A 512 35.83 15.47 14.59
N GLN A 513 35.62 14.44 13.80
CA GLN A 513 34.34 13.76 13.94
C GLN A 513 34.18 13.12 15.32
N LEU A 514 35.27 12.56 15.86
CA LEU A 514 35.14 11.77 17.09
C LEU A 514 34.72 12.73 18.23
N LEU A 515 35.41 13.86 18.34
CA LEU A 515 35.02 14.87 19.32
C LEU A 515 33.56 15.33 19.12
N ALA A 516 33.18 15.57 17.87
CA ALA A 516 31.84 16.03 17.59
C ALA A 516 30.77 15.05 18.07
N VAL A 517 30.99 13.75 17.84
CA VAL A 517 29.86 12.82 17.90
C VAL A 517 29.73 12.14 19.28
N LEU A 518 30.75 12.27 20.15
CA LEU A 518 30.70 11.49 21.38
C LEU A 518 30.06 12.30 22.52
N PRO A 519 29.36 11.69 23.49
CA PRO A 519 29.10 12.38 24.76
C PRO A 519 30.32 12.38 25.70
N ALA A 520 30.31 13.28 26.70
CA ALA A 520 31.34 13.30 27.74
C ALA A 520 31.48 11.95 28.43
N ALA A 521 30.42 11.15 28.51
CA ALA A 521 30.63 9.88 29.21
C ALA A 521 31.55 8.94 28.42
N SER A 522 31.75 9.20 27.11
CA SER A 522 32.66 8.36 26.35
C SER A 522 33.98 9.06 26.08
N LYS A 523 34.34 10.06 26.89
CA LYS A 523 35.46 10.91 26.51
C LYS A 523 36.79 10.15 26.49
N ASN A 524 36.89 9.04 27.22
CA ASN A 524 38.11 8.26 27.28
C ASN A 524 38.47 7.63 25.93
N LEU A 525 37.59 7.69 24.95
CA LEU A 525 37.88 7.20 23.61
C LEU A 525 38.69 8.23 22.84
N LEU A 526 38.72 9.48 23.31
CA LEU A 526 39.46 10.58 22.70
C LEU A 526 40.85 10.73 23.30
N PRO A 527 41.85 11.24 22.53
CA PRO A 527 43.12 11.69 23.10
C PRO A 527 42.86 12.60 24.30
N ALA A 528 43.67 12.49 25.35
CA ALA A 528 43.48 13.23 26.60
C ALA A 528 43.43 14.74 26.30
N CYS A 529 44.20 15.18 25.30
CA CYS A 529 44.34 16.60 25.03
C CYS A 529 43.03 17.29 24.61
N TYR A 530 42.02 16.58 24.10
CA TYR A 530 40.75 17.19 23.73
C TYR A 530 39.67 17.02 24.80
N GLN A 531 39.87 16.15 25.80
CA GLN A 531 38.76 15.78 26.67
C GLN A 531 38.17 16.99 27.41
N HIS A 532 39.01 17.94 27.88
CA HIS A 532 38.46 19.10 28.57
C HIS A 532 37.44 19.87 27.73
N LEU A 533 37.48 19.74 26.39
CA LEU A 533 36.57 20.50 25.57
C LEU A 533 35.14 20.03 25.79
N MET A 534 35.00 18.79 26.27
CA MET A 534 33.66 18.24 26.36
C MET A 534 33.19 18.21 27.81
N THR A 535 34.07 18.54 28.77
CA THR A 535 33.74 18.51 30.20
C THR A 535 33.86 19.88 30.88
N ASN A 536 34.79 20.75 30.42
CA ASN A 536 35.13 21.92 31.21
C ASN A 536 34.02 22.95 31.08
N GLU A 537 33.57 23.50 32.23
CA GLU A 537 32.53 24.53 32.23
C GLU A 537 32.89 25.73 31.37
N ASP A 538 34.18 26.04 31.23
CA ASP A 538 34.55 27.17 30.39
C ASP A 538 35.02 26.70 29.01
N SER A 539 34.76 25.46 28.66
CA SER A 539 35.11 25.07 27.30
C SER A 539 34.26 25.90 26.33
N PRO A 540 34.80 26.44 25.21
CA PRO A 540 34.01 27.22 24.25
C PRO A 540 32.87 26.44 23.57
N ILE A 541 32.91 25.11 23.63
CA ILE A 541 31.89 24.27 22.99
C ILE A 541 31.22 23.39 24.04
N ILE A 542 31.27 23.77 25.33
CA ILE A 542 30.67 22.91 26.37
C ILE A 542 29.19 22.64 26.06
N GLU A 543 28.51 23.63 25.49
CA GLU A 543 27.08 23.49 25.24
C GLU A 543 26.75 22.32 24.32
N TYR A 544 27.75 21.75 23.63
CA TYR A 544 27.46 20.64 22.74
C TYR A 544 27.41 19.31 23.50
N TYR A 545 27.77 19.29 24.79
CA TYR A 545 27.91 18.00 25.45
C TYR A 545 27.03 17.95 26.71
N PRO A 546 25.71 18.20 26.62
CA PRO A 546 24.90 18.23 27.85
C PRO A 546 24.89 16.84 28.50
N PRO A 547 25.24 16.71 29.81
CA PRO A 547 25.08 15.43 30.49
C PRO A 547 23.63 14.97 30.56
N ASP A 548 22.67 15.90 30.52
CA ASP A 548 21.27 15.49 30.54
C ASP A 548 20.53 16.15 29.37
N PHE A 549 19.52 15.48 28.82
CA PHE A 549 18.91 15.96 27.62
C PHE A 549 17.58 15.24 27.54
N LYS A 550 16.62 15.80 26.77
CA LYS A 550 15.37 15.11 26.51
C LYS A 550 15.45 14.30 25.22
N THR A 551 14.75 13.16 25.23
CA THR A 551 14.58 12.29 24.09
C THR A 551 13.08 12.18 23.87
N ASP A 552 12.65 12.60 22.67
CA ASP A 552 11.31 12.31 22.18
C ASP A 552 11.20 10.84 21.80
N LEU A 553 10.42 10.08 22.59
CA LEU A 553 10.38 8.62 22.52
C LEU A 553 9.04 8.09 22.01
N ASN A 554 8.26 8.92 21.28
CA ASN A 554 6.97 8.48 20.75
C ASN A 554 7.14 7.29 19.82
N GLY A 555 6.46 6.17 20.14
CA GLY A 555 6.51 4.96 19.33
C GLY A 555 6.54 3.70 20.18
N GLU A 559 9.31 0.25 16.07
CA GLU A 559 8.54 1.12 15.15
C GLU A 559 9.27 2.47 14.94
N TRP A 560 9.00 3.45 15.80
CA TRP A 560 9.38 4.83 15.53
C TRP A 560 10.77 5.13 16.07
N GLU A 561 11.40 6.19 15.53
CA GLU A 561 12.76 6.58 15.87
C GLU A 561 12.74 7.68 16.94
N ALA A 562 13.56 7.48 17.99
CA ALA A 562 13.80 8.46 19.02
C ALA A 562 14.41 9.72 18.43
N VAL A 563 13.95 10.88 18.90
CA VAL A 563 14.53 12.15 18.52
C VAL A 563 15.28 12.64 19.75
N VAL A 564 16.61 12.81 19.63
CA VAL A 564 17.44 13.25 20.73
C VAL A 564 17.68 14.76 20.63
N LEU A 565 17.26 15.50 21.67
CA LEU A 565 17.18 16.95 21.59
C LEU A 565 18.45 17.53 22.18
N ILE A 566 19.53 17.53 21.40
CA ILE A 566 20.81 18.06 21.81
C ILE A 566 21.17 19.03 20.71
N PRO A 567 22.06 20.01 20.96
CA PRO A 567 22.34 21.06 19.98
C PRO A 567 23.04 20.57 18.71
N PHE A 568 22.86 21.32 17.62
CA PHE A 568 23.58 21.11 16.39
C PHE A 568 24.95 21.80 16.51
N ILE A 569 26.00 21.07 16.18
CA ILE A 569 27.34 21.64 16.23
C ILE A 569 27.57 22.62 15.07
N ASP A 570 28.17 23.75 15.39
CA ASP A 570 28.73 24.65 14.39
C ASP A 570 30.17 24.21 14.13
N GLU A 571 30.51 23.75 12.93
CA GLU A 571 31.81 23.15 12.69
C GLU A 571 32.92 24.19 12.85
N LYS A 572 32.60 25.46 12.55
CA LYS A 572 33.61 26.50 12.73
C LYS A 572 34.03 26.65 14.20
N ARG A 573 33.07 26.56 15.11
CA ARG A 573 33.47 26.67 16.51
C ARG A 573 34.21 25.41 16.97
N LEU A 574 33.73 24.23 16.57
CA LEU A 574 34.41 22.98 16.92
C LEU A 574 35.88 23.06 16.49
N LEU A 575 36.12 23.34 15.21
CA LEU A 575 37.48 23.35 14.66
C LEU A 575 38.37 24.42 15.31
N GLU A 576 37.84 25.61 15.59
CA GLU A 576 38.66 26.59 16.29
C GLU A 576 39.05 26.10 17.70
N ALA A 577 38.09 25.46 18.42
CA ALA A 577 38.40 24.98 19.77
C ALA A 577 39.47 23.91 19.66
N MET A 578 39.36 23.08 18.60
CA MET A 578 40.29 21.96 18.47
C MET A 578 41.73 22.40 18.22
N GLU A 579 41.92 23.51 17.50
CA GLU A 579 43.25 23.99 17.15
C GLU A 579 43.99 24.41 18.42
N THR A 580 43.27 24.64 19.54
CA THR A 580 43.95 24.88 20.82
C THR A 580 44.58 23.59 21.36
N CYS A 581 44.20 22.42 20.81
CA CYS A 581 44.67 21.14 21.35
C CYS A 581 45.42 20.25 20.34
N ASN A 582 45.20 20.42 19.02
CA ASN A 582 45.73 19.49 18.00
C ASN A 582 47.23 19.24 18.13
N HIS A 583 48.02 20.26 18.50
CA HIS A 583 49.48 20.14 18.47
C HIS A 583 49.98 19.39 19.69
N SER A 584 49.06 19.01 20.60
CA SER A 584 49.38 18.31 21.84
C SER A 584 49.19 16.79 21.72
N LEU A 585 48.81 16.28 20.53
CA LEU A 585 48.59 14.84 20.37
C LEU A 585 49.88 14.11 20.64
N LYS A 586 49.78 12.91 21.23
CA LYS A 586 50.87 11.96 21.36
C LYS A 586 51.22 11.34 20.00
N LYS A 587 52.41 10.78 19.90
CA LYS A 587 52.94 10.28 18.64
C LYS A 587 52.04 9.19 18.07
N GLU A 588 51.59 8.22 18.88
CA GLU A 588 50.71 7.18 18.34
C GLU A 588 49.37 7.77 17.95
N GLU A 589 48.94 8.81 18.66
CA GLU A 589 47.62 9.33 18.38
C GLU A 589 47.64 10.11 17.08
N ARG A 590 48.70 10.87 16.87
CA ARG A 590 48.88 11.62 15.62
C ARG A 590 48.74 10.66 14.45
N LYS A 591 49.19 9.41 14.64
CA LYS A 591 49.17 8.47 13.52
C LYS A 591 47.74 8.09 13.16
N ARG A 592 46.82 8.05 14.15
CA ARG A 592 45.42 7.71 13.84
C ARG A 592 44.61 8.87 13.25
N ASN A 593 45.11 10.09 13.37
CA ASN A 593 44.24 11.20 12.99
C ASN A 593 44.44 11.53 11.50
N GLN A 594 44.25 10.57 10.62
CA GLN A 594 44.50 10.89 9.22
C GLN A 594 43.57 10.08 8.33
N HIS A 595 43.53 10.44 7.05
CA HIS A 595 42.77 9.71 6.06
C HIS A 595 43.71 8.73 5.36
N SER A 596 43.20 7.54 5.03
CA SER A 596 44.02 6.66 4.21
CA SER A 596 43.98 6.51 4.36
C SER A 596 43.10 5.83 3.32
N GLU A 597 43.74 5.08 2.39
CA GLU A 597 43.12 4.66 1.13
C GLU A 597 42.42 3.29 1.19
N CYS A 598 41.45 3.10 0.29
CA CYS A 598 40.98 1.77 -0.06
C CYS A 598 42.13 0.89 -0.58
N LEU A 599 42.10 -0.42 -0.25
CA LEU A 599 43.07 -1.40 -0.73
C LEU A 599 42.43 -2.35 -1.73
N MET A 600 43.13 -2.68 -2.82
CA MET A 600 42.67 -3.73 -3.73
C MET A 600 43.69 -4.87 -3.68
N CYS A 601 43.26 -6.11 -3.41
CA CYS A 601 44.13 -7.20 -3.03
C CYS A 601 43.72 -8.42 -3.87
N TRP A 602 44.65 -9.29 -4.23
CA TRP A 602 44.31 -10.50 -4.98
C TRP A 602 45.40 -11.54 -4.76
N TYR A 603 45.07 -12.82 -4.94
CA TYR A 603 46.04 -13.89 -4.90
C TYR A 603 46.97 -13.72 -6.10
N ASP A 604 48.28 -13.86 -5.86
CA ASP A 604 49.20 -13.93 -6.99
C ASP A 604 50.15 -15.11 -6.79
N ARG A 605 50.26 -15.99 -7.80
CA ARG A 605 51.05 -17.21 -7.64
C ARG A 605 52.55 -16.96 -7.45
N ASP A 606 53.07 -15.86 -7.99
CA ASP A 606 54.50 -15.59 -7.87
C ASP A 606 54.86 -14.87 -6.56
N THR A 607 53.89 -14.69 -5.65
CA THR A 607 54.14 -13.89 -4.44
C THR A 607 54.35 -14.80 -3.23
N GLU A 608 55.39 -14.54 -2.41
CA GLU A 608 55.47 -15.23 -1.15
C GLU A 608 56.28 -14.41 -0.15
N PHE A 609 55.68 -14.09 1.02
CA PHE A 609 56.41 -13.31 2.01
C PHE A 609 55.74 -13.54 3.35
N ILE A 610 56.40 -13.12 4.44
CA ILE A 610 55.85 -13.32 5.76
C ILE A 610 55.00 -12.10 6.11
N TYR A 611 53.70 -12.29 6.26
CA TYR A 611 52.82 -11.23 6.75
C TYR A 611 52.75 -11.33 8.28
N PRO A 612 53.18 -10.29 9.01
CA PRO A 612 53.13 -10.33 10.47
C PRO A 612 51.71 -10.34 11.07
N SER A 613 51.58 -11.10 12.15
CA SER A 613 50.41 -11.07 13.01
C SER A 613 50.22 -9.65 13.53
N PRO A 614 48.98 -9.12 13.51
CA PRO A 614 48.70 -7.83 14.13
C PRO A 614 48.57 -8.00 15.66
N TRP A 615 48.53 -9.26 16.13
CA TRP A 615 48.46 -9.53 17.58
C TRP A 615 49.14 -10.87 17.86
N PRO A 616 50.49 -10.90 17.97
CA PRO A 616 51.24 -12.16 18.02
C PRO A 616 50.78 -13.17 19.06
N GLU A 617 50.41 -12.69 20.24
CA GLU A 617 50.00 -13.56 21.31
C GLU A 617 48.70 -14.28 20.95
N LYS A 618 47.89 -13.72 20.04
CA LYS A 618 46.59 -14.32 19.82
C LYS A 618 46.42 -14.92 18.43
N PHE A 619 47.11 -14.40 17.39
CA PHE A 619 46.88 -14.93 16.04
C PHE A 619 48.23 -15.17 15.36
N PRO A 620 48.39 -16.23 14.53
CA PRO A 620 49.70 -16.55 13.99
C PRO A 620 50.00 -15.64 12.81
N ALA A 621 51.28 -15.35 12.59
CA ALA A 621 51.80 -14.79 11.34
C ALA A 621 51.36 -15.63 10.14
N ILE A 622 51.30 -15.01 8.96
CA ILE A 622 51.05 -15.71 7.72
C ILE A 622 52.42 -16.00 7.12
N GLU A 623 52.84 -17.26 7.23
CA GLU A 623 54.18 -17.68 6.81
C GLU A 623 54.36 -17.53 5.31
N ARG A 624 53.32 -17.91 4.53
CA ARG A 624 53.45 -17.77 3.10
C ARG A 624 52.27 -16.96 2.58
N CYS A 625 52.38 -15.65 2.74
CA CYS A 625 51.34 -14.78 2.25
C CYS A 625 51.50 -14.59 0.74
N CYS A 626 50.39 -14.63 -0.01
CA CYS A 626 50.43 -14.67 -1.47
C CYS A 626 49.69 -13.46 -2.04
N THR A 627 49.42 -12.45 -1.19
CA THR A 627 48.61 -11.30 -1.60
C THR A 627 49.46 -10.30 -2.37
N ARG A 628 48.99 -9.91 -3.54
CA ARG A 628 49.51 -8.72 -4.21
C ARG A 628 48.42 -7.65 -4.09
N TYR A 629 48.77 -6.36 -4.12
CA TYR A 629 47.77 -5.36 -3.76
C TYR A 629 48.11 -4.04 -4.44
N LYS A 630 47.12 -3.16 -4.50
CA LYS A 630 47.31 -1.79 -4.96
CA LYS A 630 47.30 -1.79 -4.97
C LYS A 630 46.56 -0.86 -4.01
N ILE A 631 47.21 0.23 -3.65
CA ILE A 631 46.54 1.28 -2.88
C ILE A 631 45.82 2.20 -3.84
N ILE A 632 44.50 2.37 -3.65
CA ILE A 632 43.73 3.20 -4.54
C ILE A 632 43.75 4.61 -3.95
N SER A 633 44.26 5.60 -4.68
CA SER A 633 44.25 6.96 -4.18
C SER A 633 42.82 7.46 -3.85
N LEU A 634 42.71 8.33 -2.81
CA LEU A 634 41.46 8.88 -2.32
C LEU A 634 40.60 9.47 -3.43
N ASP A 635 41.20 10.09 -4.45
CA ASP A 635 40.27 10.75 -5.36
C ASP A 635 39.93 9.89 -6.59
N ALA A 636 40.35 8.63 -6.63
CA ALA A 636 40.40 7.94 -7.91
C ALA A 636 39.00 7.79 -8.52
N TRP A 637 37.97 7.56 -7.70
CA TRP A 637 36.65 7.25 -8.24
C TRP A 637 35.66 8.41 -8.08
N ARG A 638 36.14 9.58 -7.66
CA ARG A 638 35.27 10.75 -7.54
C ARG A 638 35.09 11.38 -8.91
N VAL A 639 33.85 11.71 -9.26
CA VAL A 639 33.52 12.42 -10.49
C VAL A 639 33.09 13.85 -10.14
N ASP A 640 33.77 14.87 -10.70
CA ASP A 640 33.32 16.25 -10.71
C ASP A 640 31.98 16.38 -11.45
N ILE A 641 31.01 17.06 -10.82
CA ILE A 641 29.61 16.95 -11.21
C ILE A 641 29.29 17.76 -12.48
N GLY B 2 -10.62 4.14 -18.42
CA GLY B 2 -10.80 4.17 -16.95
C GLY B 2 -11.31 2.84 -16.41
N VAL B 3 -10.70 2.35 -15.33
CA VAL B 3 -11.03 1.08 -14.70
C VAL B 3 -11.33 1.27 -13.20
N PRO B 4 -12.12 0.37 -12.58
CA PRO B 4 -12.39 0.46 -11.13
C PRO B 4 -11.16 0.21 -10.28
N LYS B 5 -11.18 0.75 -9.06
CA LYS B 5 -10.08 0.76 -8.12
C LYS B 5 -9.65 -0.67 -7.75
N PHE B 6 -10.61 -1.56 -7.49
CA PHE B 6 -10.26 -2.92 -7.06
C PHE B 6 -9.54 -3.65 -8.19
N TYR B 7 -10.06 -3.52 -9.42
CA TYR B 7 -9.43 -4.04 -10.63
C TYR B 7 -7.96 -3.64 -10.71
N ARG B 8 -7.69 -2.32 -10.79
CA ARG B 8 -6.35 -1.81 -11.04
C ARG B 8 -5.40 -2.31 -9.94
N TRP B 9 -5.86 -2.22 -8.70
CA TRP B 9 -5.07 -2.64 -7.55
C TRP B 9 -4.62 -4.09 -7.73
N ILE B 10 -5.53 -4.90 -8.26
CA ILE B 10 -5.28 -6.31 -8.49
C ILE B 10 -4.23 -6.42 -9.58
N SER B 11 -4.46 -5.65 -10.67
CA SER B 11 -3.57 -5.58 -11.82
C SER B 11 -2.15 -5.29 -11.35
N GLU B 12 -2.01 -4.26 -10.49
CA GLU B 12 -0.72 -3.70 -10.08
C GLU B 12 0.01 -4.66 -9.14
N ARG B 13 -0.75 -5.30 -8.26
CA ARG B 13 -0.29 -6.34 -7.35
C ARG B 13 0.20 -7.57 -8.12
N TYR B 14 -0.50 -7.93 -9.21
CA TYR B 14 -0.10 -9.08 -10.01
C TYR B 14 0.12 -8.65 -11.46
N PRO B 15 1.33 -8.19 -11.84
CA PRO B 15 1.63 -7.91 -13.26
C PRO B 15 1.46 -9.19 -14.09
N CYS B 16 1.49 -9.06 -15.41
CA CYS B 16 1.37 -10.19 -16.33
C CYS B 16 -0.06 -10.73 -16.34
N LEU B 17 -0.91 -10.24 -15.42
CA LEU B 17 -2.20 -10.87 -15.14
C LEU B 17 -3.30 -10.32 -16.04
N SER B 18 -3.65 -9.06 -15.82
CA SER B 18 -4.74 -8.46 -16.56
C SER B 18 -4.21 -8.04 -17.92
N GLU B 19 -5.00 -8.33 -18.96
CA GLU B 19 -4.58 -8.22 -20.35
C GLU B 19 -5.40 -7.15 -21.07
N VAL B 20 -4.82 -6.58 -22.11
CA VAL B 20 -5.61 -5.76 -23.00
C VAL B 20 -5.43 -6.35 -24.40
N VAL B 21 -6.56 -6.66 -25.03
CA VAL B 21 -6.65 -7.48 -26.23
C VAL B 21 -7.64 -6.84 -27.20
N LYS B 22 -7.36 -7.00 -28.51
CA LYS B 22 -8.20 -6.54 -29.59
C LYS B 22 -9.31 -7.57 -29.83
N GLU B 23 -10.26 -7.23 -30.72
CA GLU B 23 -11.46 -8.01 -30.99
C GLU B 23 -11.12 -9.45 -31.37
N HIS B 24 -10.15 -9.61 -32.29
CA HIS B 24 -9.91 -10.88 -32.96
C HIS B 24 -9.14 -11.85 -32.05
N GLN B 25 -8.60 -11.36 -30.93
CA GLN B 25 -7.75 -12.17 -30.07
C GLN B 25 -8.50 -12.61 -28.82
N ILE B 26 -9.78 -12.23 -28.73
CA ILE B 26 -10.66 -12.67 -27.65
C ILE B 26 -10.87 -14.18 -27.82
N PRO B 27 -10.64 -14.99 -26.77
CA PRO B 27 -10.79 -16.44 -26.88
C PRO B 27 -12.22 -16.90 -27.19
N GLU B 28 -12.42 -18.23 -27.22
CA GLU B 28 -13.74 -18.80 -27.31
C GLU B 28 -14.37 -18.85 -25.92
N PHE B 29 -15.67 -18.59 -25.84
CA PHE B 29 -16.40 -18.69 -24.59
C PHE B 29 -17.67 -19.51 -24.78
N ASP B 30 -18.09 -20.18 -23.70
CA ASP B 30 -19.29 -21.01 -23.71
C ASP B 30 -20.48 -20.23 -23.14
N ASN B 31 -20.27 -19.53 -22.04
CA ASN B 31 -21.34 -18.79 -21.38
C ASN B 31 -20.89 -17.35 -21.23
N LEU B 32 -21.82 -16.43 -21.53
CA LEU B 32 -21.66 -15.01 -21.31
C LEU B 32 -22.77 -14.53 -20.38
N TYR B 33 -22.37 -13.99 -19.23
CA TYR B 33 -23.29 -13.40 -18.26
C TYR B 33 -23.19 -11.89 -18.37
N LEU B 34 -24.35 -11.23 -18.37
CA LEU B 34 -24.37 -9.78 -18.52
C LEU B 34 -25.41 -9.18 -17.56
N ASP B 35 -24.90 -8.42 -16.59
CA ASP B 35 -25.70 -7.61 -15.72
C ASP B 35 -25.95 -6.29 -16.46
N MET B 36 -27.22 -5.95 -16.68
CA MET B 36 -27.61 -4.89 -17.60
C MET B 36 -27.61 -3.49 -16.93
N ASN B 37 -27.68 -3.41 -15.61
CA ASN B 37 -27.90 -2.14 -14.92
C ASN B 37 -26.87 -1.08 -15.35
N GLY B 38 -25.59 -1.45 -15.41
CA GLY B 38 -24.54 -0.58 -15.93
C GLY B 38 -24.91 -0.04 -17.31
N ILE B 39 -25.30 -0.94 -18.22
CA ILE B 39 -25.68 -0.56 -19.58
C ILE B 39 -26.88 0.40 -19.57
N ILE B 40 -27.87 0.16 -18.70
CA ILE B 40 -29.08 0.97 -18.76
C ILE B 40 -28.74 2.41 -18.35
N HIS B 41 -28.02 2.57 -17.23
CA HIS B 41 -27.54 3.87 -16.77
C HIS B 41 -26.76 4.60 -17.87
N GLN B 42 -25.79 3.93 -18.51
CA GLN B 42 -24.93 4.56 -19.51
C GLN B 42 -25.75 5.07 -20.70
N CYS B 43 -26.77 4.30 -21.12
CA CYS B 43 -27.56 4.61 -22.30
C CYS B 43 -28.65 5.65 -22.01
N SER B 44 -29.03 5.80 -20.73
CA SER B 44 -30.10 6.71 -20.35
C SER B 44 -29.62 8.07 -19.81
N HIS B 45 -28.46 8.15 -19.10
CA HIS B 45 -28.01 9.42 -18.56
C HIS B 45 -26.48 9.48 -18.54
N PRO B 46 -25.85 9.54 -19.74
CA PRO B 46 -24.38 9.62 -19.85
C PRO B 46 -23.73 10.97 -19.55
N ASN B 47 -24.53 12.05 -19.43
CA ASN B 47 -24.00 13.40 -19.41
C ASN B 47 -24.66 14.23 -18.31
N ASP B 48 -24.58 13.73 -17.07
CA ASP B 48 -25.26 14.26 -15.91
C ASP B 48 -24.74 15.64 -15.51
N ASP B 49 -23.54 16.00 -15.99
CA ASP B 49 -22.96 17.33 -15.81
C ASP B 49 -23.75 18.37 -16.58
N ASP B 50 -24.34 17.96 -17.72
CA ASP B 50 -25.03 18.80 -18.68
C ASP B 50 -26.53 18.89 -18.35
N VAL B 51 -26.92 19.92 -17.58
CA VAL B 51 -28.29 20.15 -17.13
C VAL B 51 -29.26 20.26 -18.30
N HIS B 52 -28.73 20.49 -19.51
CA HIS B 52 -29.58 20.68 -20.69
C HIS B 52 -29.87 19.36 -21.42
N PHE B 53 -29.02 18.33 -21.20
CA PHE B 53 -29.09 17.07 -21.93
C PHE B 53 -30.47 16.42 -21.79
N ARG B 54 -31.07 16.07 -22.93
CA ARG B 54 -32.30 15.29 -22.98
C ARG B 54 -32.15 14.14 -23.98
N ILE B 55 -32.82 13.02 -23.67
CA ILE B 55 -32.81 11.83 -24.51
C ILE B 55 -34.19 11.19 -24.43
N SER B 56 -34.74 10.78 -25.57
CA SER B 56 -36.05 10.15 -25.60
C SER B 56 -35.89 8.63 -25.50
N ASP B 57 -36.92 7.96 -24.97
CA ASP B 57 -36.92 6.52 -24.72
C ASP B 57 -36.47 5.73 -25.95
N ASP B 58 -36.94 6.15 -27.13
CA ASP B 58 -36.65 5.43 -28.36
C ASP B 58 -35.14 5.39 -28.51
N LYS B 59 -34.47 6.51 -28.17
CA LYS B 59 -33.02 6.59 -28.29
C LYS B 59 -32.36 5.73 -27.20
N ILE B 60 -32.95 5.71 -25.99
CA ILE B 60 -32.42 4.89 -24.91
C ILE B 60 -32.40 3.42 -25.33
N PHE B 61 -33.57 2.92 -25.74
CA PHE B 61 -33.77 1.51 -26.06
C PHE B 61 -32.91 1.12 -27.26
N THR B 62 -32.92 1.96 -28.32
CA THR B 62 -32.07 1.73 -29.49
C THR B 62 -30.64 1.51 -29.01
N ASP B 63 -30.23 2.32 -28.01
CA ASP B 63 -28.84 2.30 -27.60
C ASP B 63 -28.57 1.05 -26.77
N ILE B 64 -29.50 0.71 -25.88
CA ILE B 64 -29.39 -0.50 -25.08
C ILE B 64 -29.24 -1.68 -26.03
N PHE B 65 -30.00 -1.66 -27.14
CA PHE B 65 -29.99 -2.74 -28.11
C PHE B 65 -28.61 -2.90 -28.74
N HIS B 66 -27.99 -1.77 -29.11
CA HIS B 66 -26.68 -1.75 -29.74
C HIS B 66 -25.63 -2.43 -28.86
N TYR B 67 -25.69 -2.12 -27.55
CA TYR B 67 -24.76 -2.68 -26.59
C TYR B 67 -24.85 -4.21 -26.62
N LEU B 68 -26.07 -4.74 -26.58
CA LEU B 68 -26.31 -6.18 -26.51
C LEU B 68 -25.84 -6.83 -27.79
N GLU B 69 -26.14 -6.18 -28.92
CA GLU B 69 -25.78 -6.68 -30.24
C GLU B 69 -24.27 -6.75 -30.39
N VAL B 70 -23.57 -5.68 -30.02
CA VAL B 70 -22.13 -5.63 -30.16
C VAL B 70 -21.46 -6.62 -29.21
N LEU B 71 -21.90 -6.65 -27.95
CA LEU B 71 -21.25 -7.50 -26.96
C LEU B 71 -21.40 -8.96 -27.37
N PHE B 72 -22.62 -9.32 -27.82
CA PHE B 72 -22.93 -10.67 -28.27
C PHE B 72 -22.09 -11.02 -29.50
N ARG B 73 -22.02 -10.10 -30.47
CA ARG B 73 -21.26 -10.31 -31.69
C ARG B 73 -19.77 -10.56 -31.37
N ILE B 74 -19.25 -9.91 -30.33
CA ILE B 74 -17.82 -9.92 -30.13
C ILE B 74 -17.42 -11.08 -29.22
N ILE B 75 -18.22 -11.39 -28.19
CA ILE B 75 -17.89 -12.45 -27.26
C ILE B 75 -18.30 -13.81 -27.80
N LYS B 76 -19.35 -13.85 -28.66
CA LYS B 76 -19.83 -15.04 -29.36
C LYS B 76 -20.00 -16.24 -28.43
N PRO B 77 -20.84 -16.16 -27.38
CA PRO B 77 -20.93 -17.27 -26.42
C PRO B 77 -21.46 -18.47 -27.20
N ARG B 78 -20.85 -19.65 -27.00
CA ARG B 78 -21.19 -20.78 -27.85
C ARG B 78 -22.35 -21.60 -27.30
N LYS B 79 -22.64 -21.52 -25.98
CA LYS B 79 -23.65 -22.36 -25.34
C LYS B 79 -24.77 -21.54 -24.71
N VAL B 80 -24.45 -20.51 -23.90
CA VAL B 80 -25.41 -19.85 -23.04
C VAL B 80 -25.16 -18.33 -23.05
N PHE B 81 -26.26 -17.56 -23.06
CA PHE B 81 -26.26 -16.10 -22.90
C PHE B 81 -27.30 -15.72 -21.86
N PHE B 82 -26.85 -15.16 -20.73
CA PHE B 82 -27.71 -14.89 -19.59
C PHE B 82 -27.71 -13.38 -19.37
N MET B 83 -28.89 -12.77 -19.61
CA MET B 83 -29.11 -11.33 -19.45
C MET B 83 -29.91 -11.08 -18.18
N ALA B 84 -29.38 -10.23 -17.30
CA ALA B 84 -30.03 -9.95 -16.02
C ALA B 84 -30.22 -8.44 -15.81
N VAL B 85 -31.42 -8.10 -15.32
CA VAL B 85 -31.78 -6.75 -14.91
C VAL B 85 -32.17 -6.92 -13.45
N ASP B 86 -31.73 -6.00 -12.60
CA ASP B 86 -32.04 -6.05 -11.18
C ASP B 86 -33.55 -6.13 -10.95
N GLY B 87 -33.97 -7.12 -10.16
CA GLY B 87 -35.31 -7.13 -9.59
C GLY B 87 -35.22 -6.60 -8.18
N VAL B 88 -36.32 -6.64 -7.43
CA VAL B 88 -36.36 -6.22 -6.03
C VAL B 88 -35.23 -6.89 -5.23
N ALA B 89 -34.54 -6.06 -4.43
CA ALA B 89 -33.36 -6.48 -3.69
C ALA B 89 -33.70 -6.83 -2.24
N PRO B 90 -32.86 -7.66 -1.56
CA PRO B 90 -33.01 -7.90 -0.13
C PRO B 90 -32.92 -6.54 0.57
N ARG B 91 -33.55 -6.40 1.73
CA ARG B 91 -33.50 -5.18 2.53
C ARG B 91 -32.06 -4.72 2.80
N ALA B 92 -31.14 -5.68 2.93
CA ALA B 92 -29.77 -5.35 3.31
C ALA B 92 -29.13 -4.49 2.24
N LYS B 93 -29.58 -4.63 0.99
CA LYS B 93 -29.08 -3.85 -0.12
C LYS B 93 -29.88 -2.56 -0.26
N MET B 94 -31.03 -2.47 0.42
CA MET B 94 -31.95 -1.39 0.13
C MET B 94 -31.50 -0.05 0.74
N ASN B 95 -30.70 -0.09 1.80
CA ASN B 95 -30.25 1.16 2.44
CA ASN B 95 -30.29 1.17 2.42
C ASN B 95 -29.27 1.87 1.51
N GLN B 96 -28.40 1.07 0.89
CA GLN B 96 -27.47 1.61 -0.10
C GLN B 96 -28.21 2.09 -1.35
N GLN B 97 -29.23 1.36 -1.82
CA GLN B 97 -30.00 1.83 -2.96
C GLN B 97 -30.67 3.18 -2.66
N ARG B 98 -31.22 3.32 -1.44
CA ARG B 98 -31.87 4.54 -1.00
C ARG B 98 -30.87 5.70 -1.02
N GLY B 99 -29.73 5.48 -0.34
CA GLY B 99 -28.62 6.42 -0.35
C GLY B 99 -28.37 6.97 -1.75
N ARG B 100 -28.18 6.08 -2.73
CA ARG B 100 -27.76 6.51 -4.05
C ARG B 100 -28.86 7.34 -4.71
N ARG B 101 -30.11 7.03 -4.33
CA ARG B 101 -31.24 7.64 -5.00
C ARG B 101 -31.46 9.03 -4.42
N PHE B 102 -31.33 9.13 -3.10
CA PHE B 102 -31.35 10.42 -2.43
C PHE B 102 -30.23 11.29 -2.98
N ARG B 103 -28.99 10.79 -2.92
CA ARG B 103 -27.82 11.53 -3.41
CA ARG B 103 -27.82 11.52 -3.41
C ARG B 103 -28.09 12.03 -4.83
N SER B 104 -28.57 11.12 -5.70
CA SER B 104 -28.75 11.41 -7.13
C SER B 104 -29.74 12.54 -7.41
N ALA B 105 -30.87 12.56 -6.68
CA ALA B 105 -31.92 13.55 -6.86
C ALA B 105 -31.38 14.93 -6.43
N LYS B 106 -30.78 14.95 -5.23
CA LYS B 106 -30.21 16.15 -4.62
C LYS B 106 -29.16 16.77 -5.55
N GLU B 107 -28.31 15.94 -6.14
CA GLU B 107 -27.20 16.40 -6.96
C GLU B 107 -27.72 17.00 -8.27
N ALA B 108 -28.79 16.41 -8.81
CA ALA B 108 -29.38 16.94 -10.04
C ALA B 108 -30.15 18.25 -9.79
N GLU B 109 -30.79 18.38 -8.61
CA GLU B 109 -31.54 19.58 -8.24
C GLU B 109 -30.56 20.73 -7.96
N ASP B 110 -29.43 20.39 -7.33
CA ASP B 110 -28.34 21.31 -7.05
C ASP B 110 -27.79 21.88 -8.36
N LYS B 111 -27.58 21.01 -9.37
CA LYS B 111 -27.02 21.43 -10.63
C LYS B 111 -27.99 22.35 -11.39
N ILE B 112 -29.30 22.06 -11.25
CA ILE B 112 -30.36 22.83 -11.88
C ILE B 112 -30.37 24.25 -11.30
N LYS B 113 -30.42 24.33 -9.95
CA LYS B 113 -30.35 25.57 -9.18
C LYS B 113 -29.14 26.38 -9.63
N LYS B 114 -27.98 25.71 -9.77
CA LYS B 114 -26.77 26.37 -10.25
C LYS B 114 -26.99 26.97 -11.64
N ALA B 115 -27.61 26.21 -12.54
CA ALA B 115 -27.76 26.64 -13.92
C ALA B 115 -28.64 27.89 -13.97
N ILE B 116 -29.62 27.92 -13.07
CA ILE B 116 -30.58 29.00 -12.95
C ILE B 116 -29.88 30.24 -12.41
N GLU B 117 -29.05 30.06 -11.40
CA GLU B 117 -28.31 31.16 -10.79
C GLU B 117 -27.41 31.87 -11.81
N LYS B 118 -27.06 31.20 -12.91
CA LYS B 118 -26.27 31.86 -13.96
C LYS B 118 -27.15 32.20 -15.15
N GLY B 119 -28.46 32.31 -14.86
CA GLY B 119 -29.46 32.85 -15.77
C GLY B 119 -29.60 32.03 -17.05
N GLU B 120 -29.26 30.73 -16.99
CA GLU B 120 -29.47 29.83 -18.10
C GLU B 120 -30.94 29.43 -18.13
N THR B 121 -31.44 29.09 -19.33
CA THR B 121 -32.82 28.67 -19.51
C THR B 121 -32.92 27.18 -19.89
N LEU B 122 -33.52 26.40 -18.97
CA LEU B 122 -33.60 24.94 -19.03
C LEU B 122 -34.52 24.51 -20.16
N PRO B 123 -34.40 23.26 -20.69
CA PRO B 123 -35.42 22.73 -21.59
C PRO B 123 -36.72 22.71 -20.79
N THR B 124 -37.83 22.69 -21.52
CA THR B 124 -39.15 22.75 -20.94
C THR B 124 -39.60 21.34 -20.49
N GLU B 125 -39.39 20.31 -21.33
CA GLU B 125 -39.71 18.94 -20.93
C GLU B 125 -38.78 18.51 -19.79
N ALA B 126 -39.35 17.79 -18.81
CA ALA B 126 -38.64 17.38 -17.61
C ALA B 126 -37.46 16.48 -17.97
N ARG B 127 -36.47 16.43 -17.07
CA ARG B 127 -35.28 15.59 -17.21
C ARG B 127 -35.67 14.11 -17.12
N PHE B 128 -34.82 13.22 -17.66
CA PHE B 128 -34.84 11.82 -17.28
C PHE B 128 -34.39 11.69 -15.83
N ASP B 129 -35.29 11.21 -14.96
CA ASP B 129 -34.95 10.96 -13.57
C ASP B 129 -34.33 9.56 -13.45
N SER B 130 -33.00 9.51 -13.34
CA SER B 130 -32.29 8.24 -13.34
C SER B 130 -32.77 7.31 -12.20
N ASN B 131 -33.47 7.86 -11.19
CA ASN B 131 -34.10 7.07 -10.13
C ASN B 131 -35.22 6.19 -10.69
N CYS B 132 -35.58 6.40 -11.97
CA CYS B 132 -36.60 5.57 -12.59
C CYS B 132 -36.02 4.20 -12.95
N ILE B 133 -34.71 4.01 -12.75
CA ILE B 133 -34.08 2.73 -13.04
C ILE B 133 -34.05 1.95 -11.74
N THR B 134 -35.26 1.57 -11.30
CA THR B 134 -35.55 0.82 -10.08
C THR B 134 -36.65 -0.15 -10.47
N PRO B 135 -36.63 -1.42 -10.01
CA PRO B 135 -37.69 -2.37 -10.39
C PRO B 135 -39.07 -1.79 -10.13
N GLY B 136 -39.95 -1.91 -11.12
CA GLY B 136 -41.39 -1.72 -10.91
C GLY B 136 -41.91 -0.37 -11.46
N THR B 137 -41.00 0.52 -11.85
CA THR B 137 -41.45 1.79 -12.42
C THR B 137 -41.99 1.56 -13.83
N GLU B 138 -42.63 2.61 -14.35
CA GLU B 138 -43.23 2.56 -15.67
C GLU B 138 -42.13 2.44 -16.72
N PHE B 139 -41.04 3.20 -16.53
CA PHE B 139 -39.90 3.11 -17.42
C PHE B 139 -39.34 1.69 -17.47
N MET B 140 -39.17 1.04 -16.30
CA MET B 140 -38.59 -0.29 -16.26
C MET B 140 -39.52 -1.30 -16.95
N ALA B 141 -40.84 -1.07 -16.85
CA ALA B 141 -41.82 -1.92 -17.52
C ALA B 141 -41.74 -1.79 -19.04
N ARG B 142 -41.63 -0.56 -19.55
CA ARG B 142 -41.47 -0.34 -20.98
C ARG B 142 -40.14 -0.90 -21.46
N LEU B 143 -39.06 -0.63 -20.71
CA LEU B 143 -37.79 -1.25 -21.00
C LEU B 143 -37.92 -2.79 -21.05
N HIS B 144 -38.69 -3.37 -20.13
CA HIS B 144 -38.73 -4.81 -19.97
C HIS B 144 -39.31 -5.43 -21.25
N GLU B 145 -40.33 -4.74 -21.77
CA GLU B 145 -41.04 -5.15 -22.97
C GLU B 145 -40.10 -5.02 -24.18
N HIS B 146 -39.30 -3.95 -24.19
CA HIS B 146 -38.35 -3.78 -25.28
C HIS B 146 -37.27 -4.88 -25.26
N LEU B 147 -36.87 -5.32 -24.07
CA LEU B 147 -35.77 -6.28 -24.01
C LEU B 147 -36.26 -7.64 -24.50
N LYS B 148 -37.48 -8.01 -24.07
CA LYS B 148 -38.11 -9.26 -24.47
C LYS B 148 -38.20 -9.28 -25.99
N TYR B 149 -38.76 -8.20 -26.53
CA TYR B 149 -38.92 -8.04 -27.96
C TYR B 149 -37.55 -8.22 -28.61
N PHE B 150 -36.55 -7.53 -28.05
CA PHE B 150 -35.21 -7.55 -28.65
C PHE B 150 -34.71 -8.98 -28.77
N VAL B 151 -34.92 -9.77 -27.70
CA VAL B 151 -34.43 -11.15 -27.69
C VAL B 151 -35.15 -11.96 -28.78
N ASN B 152 -36.47 -11.85 -28.80
CA ASN B 152 -37.30 -12.51 -29.81
C ASN B 152 -36.85 -12.11 -31.21
N MET B 153 -36.55 -10.82 -31.42
CA MET B 153 -36.17 -10.33 -32.74
C MET B 153 -34.87 -10.97 -33.20
N LYS B 154 -33.85 -10.93 -32.31
CA LYS B 154 -32.52 -11.44 -32.60
C LYS B 154 -32.57 -12.95 -32.89
N ILE B 155 -33.26 -13.67 -32.00
CA ILE B 155 -33.45 -15.10 -32.17
C ILE B 155 -34.06 -15.37 -33.55
N SER B 156 -35.00 -14.51 -33.97
CA SER B 156 -35.77 -14.78 -35.17
C SER B 156 -35.08 -14.29 -36.44
N THR B 157 -33.98 -13.54 -36.34
CA THR B 157 -33.45 -12.85 -37.53
C THR B 157 -31.95 -13.07 -37.71
N ASP B 158 -31.23 -13.37 -36.62
CA ASP B 158 -29.78 -13.40 -36.68
C ASP B 158 -29.32 -14.83 -36.37
N LYS B 159 -28.72 -15.48 -37.37
CA LYS B 159 -28.21 -16.85 -37.25
C LYS B 159 -27.24 -16.99 -36.07
N SER B 160 -26.45 -15.96 -35.78
CA SER B 160 -25.49 -16.07 -34.68
C SER B 160 -26.21 -16.15 -33.33
N TRP B 161 -27.51 -15.81 -33.29
CA TRP B 161 -28.31 -15.97 -32.07
C TRP B 161 -29.12 -17.27 -32.04
N GLN B 162 -28.87 -18.19 -33.00
CA GLN B 162 -29.83 -19.26 -33.21
C GLN B 162 -29.35 -20.59 -32.63
N GLY B 163 -28.06 -20.73 -32.32
CA GLY B 163 -27.62 -22.00 -31.75
C GLY B 163 -27.36 -21.92 -30.24
N VAL B 164 -27.94 -20.94 -29.56
CA VAL B 164 -27.56 -20.65 -28.18
C VAL B 164 -28.82 -20.62 -27.31
N THR B 165 -28.69 -21.07 -26.05
CA THR B 165 -29.73 -20.87 -25.06
C THR B 165 -29.61 -19.46 -24.47
N ILE B 166 -30.72 -18.71 -24.53
CA ILE B 166 -30.73 -17.34 -24.05
C ILE B 166 -31.61 -17.24 -22.82
N TYR B 167 -31.06 -16.71 -21.74
CA TYR B 167 -31.88 -16.48 -20.56
C TYR B 167 -32.05 -14.98 -20.40
N PHE B 168 -33.26 -14.55 -20.05
CA PHE B 168 -33.53 -13.18 -19.68
C PHE B 168 -34.19 -13.16 -18.31
N SER B 169 -33.45 -12.66 -17.30
CA SER B 169 -34.07 -12.44 -16.00
C SER B 169 -34.31 -10.95 -15.79
N GLY B 170 -35.56 -10.50 -15.96
CA GLY B 170 -35.86 -9.07 -15.97
C GLY B 170 -36.23 -8.50 -14.60
N HIS B 171 -36.75 -7.25 -14.57
CA HIS B 171 -36.89 -6.50 -13.32
C HIS B 171 -38.02 -7.07 -12.44
N GLU B 172 -38.81 -8.00 -12.99
CA GLU B 172 -39.88 -8.55 -12.17
C GLU B 172 -39.41 -9.78 -11.39
N THR B 173 -38.18 -10.24 -11.69
CA THR B 173 -37.62 -11.39 -11.02
C THR B 173 -36.71 -10.92 -9.88
N PRO B 174 -37.13 -11.18 -8.64
CA PRO B 174 -36.44 -10.62 -7.47
C PRO B 174 -34.95 -10.97 -7.50
N GLY B 175 -34.13 -10.03 -7.01
CA GLY B 175 -32.70 -10.20 -6.82
C GLY B 175 -31.91 -9.25 -7.74
N GLU B 176 -30.78 -8.76 -7.22
CA GLU B 176 -29.86 -8.02 -8.05
C GLU B 176 -29.32 -8.95 -9.13
N GLY B 177 -29.05 -8.40 -10.32
CA GLY B 177 -28.66 -9.19 -11.49
C GLY B 177 -27.45 -10.09 -11.21
N GLU B 178 -26.52 -9.55 -10.41
CA GLU B 178 -25.32 -10.25 -9.94
C GLU B 178 -25.74 -11.49 -9.18
N HIS B 179 -26.62 -11.32 -8.18
CA HIS B 179 -27.09 -12.43 -7.36
C HIS B 179 -27.83 -13.46 -8.23
N LYS B 180 -28.53 -12.99 -9.27
CA LYS B 180 -29.28 -13.86 -10.15
C LYS B 180 -28.32 -14.68 -11.01
N ILE B 181 -27.25 -14.05 -11.48
CA ILE B 181 -26.23 -14.70 -12.29
C ILE B 181 -25.54 -15.80 -11.49
N MET B 182 -25.16 -15.50 -10.24
CA MET B 182 -24.56 -16.47 -9.34
C MET B 182 -25.51 -17.66 -9.13
N GLU B 183 -26.80 -17.37 -8.95
CA GLU B 183 -27.78 -18.42 -8.72
C GLU B 183 -27.79 -19.40 -9.90
N PHE B 184 -27.81 -18.85 -11.13
CA PHE B 184 -27.75 -19.67 -12.33
C PHE B 184 -26.43 -20.42 -12.42
N ILE B 185 -25.32 -19.78 -12.01
CA ILE B 185 -24.03 -20.49 -12.08
C ILE B 185 -24.04 -21.70 -11.16
N ARG B 186 -24.59 -21.57 -9.95
CA ARG B 186 -24.69 -22.68 -9.01
C ARG B 186 -25.54 -23.81 -9.60
N SER B 187 -26.68 -23.52 -10.24
CA SER B 187 -27.53 -24.59 -10.74
C SER B 187 -26.83 -25.37 -11.85
N GLU B 188 -26.05 -24.64 -12.68
CA GLU B 188 -25.26 -25.25 -13.74
C GLU B 188 -24.23 -26.21 -13.14
N LYS B 189 -23.53 -25.76 -12.08
CA LYS B 189 -22.49 -26.52 -11.41
C LYS B 189 -23.10 -27.78 -10.82
N ALA B 190 -24.40 -27.73 -10.52
CA ALA B 190 -25.07 -28.81 -9.80
C ALA B 190 -25.60 -29.87 -10.77
N LYS B 191 -25.64 -29.54 -12.07
CA LYS B 191 -26.09 -30.43 -13.11
C LYS B 191 -25.04 -31.52 -13.31
N PRO B 192 -25.44 -32.79 -13.51
CA PRO B 192 -24.54 -33.93 -13.29
C PRO B 192 -23.34 -34.04 -14.23
N ASP B 193 -23.46 -33.46 -15.42
CA ASP B 193 -22.44 -33.51 -16.47
CA ASP B 193 -22.33 -33.56 -16.35
C ASP B 193 -21.70 -32.19 -16.60
N HIS B 194 -21.81 -31.31 -15.59
CA HIS B 194 -21.20 -30.00 -15.70
C HIS B 194 -19.72 -30.14 -16.06
N ASP B 195 -19.34 -29.58 -17.20
CA ASP B 195 -17.97 -29.60 -17.65
C ASP B 195 -17.11 -28.58 -16.88
N PRO B 196 -16.13 -29.05 -16.07
CA PRO B 196 -15.40 -28.16 -15.17
C PRO B 196 -14.53 -27.20 -15.97
N ASN B 197 -14.42 -27.45 -17.28
CA ASN B 197 -13.68 -26.58 -18.18
C ASN B 197 -14.61 -25.71 -19.05
N THR B 198 -15.87 -25.57 -18.63
CA THR B 198 -16.75 -24.57 -19.21
C THR B 198 -16.06 -23.20 -19.15
N ARG B 199 -16.08 -22.48 -20.29
CA ARG B 199 -15.43 -21.19 -20.43
C ARG B 199 -16.43 -20.05 -20.23
N HIS B 200 -16.40 -19.41 -19.06
CA HIS B 200 -17.35 -18.37 -18.68
C HIS B 200 -16.76 -17.00 -19.00
N CYS B 201 -17.61 -16.07 -19.47
CA CYS B 201 -17.26 -14.67 -19.63
C CYS B 201 -18.35 -13.83 -18.95
N LEU B 202 -17.93 -12.91 -18.08
CA LEU B 202 -18.80 -12.05 -17.30
C LEU B 202 -18.48 -10.61 -17.67
N TYR B 203 -19.49 -9.85 -18.10
CA TYR B 203 -19.22 -8.50 -18.60
C TYR B 203 -19.13 -7.53 -17.43
N GLY B 204 -17.95 -6.91 -17.27
CA GLY B 204 -17.72 -5.94 -16.21
C GLY B 204 -16.41 -6.17 -15.47
N LEU B 205 -15.99 -5.15 -14.70
CA LEU B 205 -14.69 -5.15 -14.05
C LEU B 205 -14.85 -4.82 -12.57
N ASP B 206 -16.10 -4.65 -12.10
CA ASP B 206 -16.39 -4.15 -10.77
C ASP B 206 -16.02 -5.16 -9.69
N ALA B 207 -15.77 -4.65 -8.48
CA ALA B 207 -15.28 -5.44 -7.36
C ALA B 207 -16.18 -6.67 -7.14
N ASP B 208 -17.50 -6.45 -7.16
CA ASP B 208 -18.48 -7.49 -6.84
C ASP B 208 -18.45 -8.60 -7.90
N LEU B 209 -18.15 -8.22 -9.16
CA LEU B 209 -18.01 -9.17 -10.25
C LEU B 209 -16.78 -10.06 -10.05
N ILE B 210 -15.65 -9.45 -9.67
CA ILE B 210 -14.43 -10.20 -9.43
C ILE B 210 -14.68 -11.19 -8.32
N MET B 211 -15.31 -10.74 -7.24
CA MET B 211 -15.61 -11.59 -6.10
C MET B 211 -16.56 -12.71 -6.53
N LEU B 212 -17.49 -12.38 -7.43
CA LEU B 212 -18.48 -13.33 -7.94
C LEU B 212 -17.80 -14.41 -8.75
N GLY B 213 -16.97 -14.01 -9.72
CA GLY B 213 -16.16 -14.96 -10.50
C GLY B 213 -15.32 -15.92 -9.65
N LEU B 214 -14.73 -15.43 -8.54
CA LEU B 214 -13.89 -16.25 -7.66
C LEU B 214 -14.75 -17.14 -6.78
N THR B 215 -15.88 -16.60 -6.32
CA THR B 215 -16.75 -17.38 -5.44
C THR B 215 -17.32 -18.59 -6.18
N SER B 216 -17.43 -18.48 -7.51
CA SER B 216 -17.92 -19.55 -8.36
C SER B 216 -17.03 -20.79 -8.27
N HIS B 217 -15.71 -20.59 -8.11
CA HIS B 217 -14.73 -21.67 -8.07
C HIS B 217 -14.68 -22.41 -9.39
N GLU B 218 -15.10 -21.74 -10.47
CA GLU B 218 -15.00 -22.31 -11.80
C GLU B 218 -13.59 -22.06 -12.33
N ALA B 219 -13.00 -23.10 -12.93
CA ALA B 219 -11.63 -23.06 -13.42
C ALA B 219 -11.43 -21.92 -14.41
N HIS B 220 -12.32 -21.80 -15.40
CA HIS B 220 -12.13 -20.85 -16.48
C HIS B 220 -13.22 -19.78 -16.47
N PHE B 221 -12.91 -18.67 -15.81
CA PHE B 221 -13.84 -17.56 -15.65
C PHE B 221 -13.10 -16.29 -16.00
N SER B 222 -13.66 -15.53 -16.94
CA SER B 222 -13.03 -14.29 -17.37
C SER B 222 -14.02 -13.14 -17.31
N LEU B 223 -13.51 -11.97 -16.90
CA LEU B 223 -14.24 -10.71 -16.96
C LEU B 223 -13.74 -9.92 -18.16
N LEU B 224 -14.66 -9.19 -18.80
CA LEU B 224 -14.32 -8.44 -19.99
C LEU B 224 -15.05 -7.09 -19.97
N ARG B 225 -14.42 -6.05 -20.52
CA ARG B 225 -15.06 -4.76 -20.76
C ARG B 225 -14.29 -4.00 -21.84
N GLU B 226 -14.98 -3.24 -22.68
CA GLU B 226 -14.30 -2.42 -23.68
C GLU B 226 -13.33 -1.48 -22.96
N GLU B 227 -12.21 -1.15 -23.60
CA GLU B 227 -11.27 -0.20 -23.03
C GLU B 227 -11.82 1.22 -23.16
N VAL B 228 -11.82 1.76 -24.39
CA VAL B 228 -12.47 3.03 -24.69
C VAL B 228 -13.97 2.76 -24.62
N ARG B 229 -14.71 3.65 -23.94
CA ARG B 229 -16.14 3.51 -23.74
C ARG B 229 -16.91 3.69 -25.05
N PHE B 230 -16.78 2.71 -25.95
CA PHE B 230 -17.42 2.65 -27.26
C PHE B 230 -17.50 4.05 -27.89
N THR B 244 -11.24 -2.14 -32.01
CA THR B 244 -11.71 -1.97 -30.62
C THR B 244 -10.94 -2.91 -29.71
N THR B 245 -10.53 -2.40 -28.53
CA THR B 245 -9.79 -3.19 -27.57
C THR B 245 -10.62 -3.39 -26.30
N PHE B 246 -10.25 -4.42 -25.52
CA PHE B 246 -10.98 -4.81 -24.33
C PHE B 246 -10.02 -5.21 -23.23
N HIS B 247 -10.27 -4.72 -22.01
CA HIS B 247 -9.72 -5.32 -20.81
C HIS B 247 -10.19 -6.77 -20.73
N LEU B 248 -9.26 -7.67 -20.44
CA LEU B 248 -9.58 -9.08 -20.29
C LEU B 248 -8.84 -9.60 -19.08
N LEU B 249 -9.61 -10.11 -18.12
CA LEU B 249 -9.07 -10.60 -16.87
C LEU B 249 -9.40 -12.08 -16.76
N HIS B 250 -8.38 -12.93 -16.64
CA HIS B 250 -8.58 -14.36 -16.51
C HIS B 250 -8.40 -14.77 -15.06
N LEU B 251 -9.48 -15.26 -14.46
CA LEU B 251 -9.46 -15.62 -13.06
C LEU B 251 -8.65 -16.89 -12.86
N SER B 252 -8.41 -17.64 -13.94
CA SER B 252 -7.59 -18.85 -13.80
C SER B 252 -6.14 -18.45 -13.47
N LEU B 253 -5.64 -17.41 -14.15
CA LEU B 253 -4.33 -16.85 -13.83
C LEU B 253 -4.36 -16.22 -12.43
N MET B 254 -5.46 -15.54 -12.08
CA MET B 254 -5.54 -14.83 -10.82
C MET B 254 -5.54 -15.84 -9.68
N ARG B 255 -6.20 -16.99 -9.90
CA ARG B 255 -6.18 -18.08 -8.94
C ARG B 255 -4.73 -18.57 -8.76
N GLU B 256 -3.95 -18.52 -9.85
CA GLU B 256 -2.57 -19.02 -9.83
C GLU B 256 -1.63 -18.05 -9.10
N TYR B 257 -1.78 -16.74 -9.39
CA TYR B 257 -1.07 -15.71 -8.66
C TYR B 257 -1.38 -15.78 -7.17
N ILE B 258 -2.64 -16.02 -6.84
CA ILE B 258 -3.00 -16.11 -5.45
C ILE B 258 -2.33 -17.32 -4.82
N ASP B 259 -2.28 -18.43 -5.56
CA ASP B 259 -1.70 -19.67 -5.06
C ASP B 259 -0.22 -19.47 -4.68
N TYR B 260 0.53 -18.91 -5.64
CA TYR B 260 1.94 -18.61 -5.50
C TYR B 260 2.16 -17.69 -4.31
N GLU B 261 1.33 -16.65 -4.18
CA GLU B 261 1.47 -15.71 -3.06
C GLU B 261 1.31 -16.43 -1.73
N PHE B 262 0.41 -17.40 -1.64
CA PHE B 262 0.06 -17.98 -0.35
C PHE B 262 0.80 -19.29 -0.11
N SER B 263 1.70 -19.63 -1.04
CA SER B 263 2.42 -20.91 -1.09
C SER B 263 3.18 -21.21 0.19
N VAL B 264 3.71 -20.15 0.82
CA VAL B 264 4.53 -20.23 2.03
C VAL B 264 3.81 -20.99 3.14
N LEU B 265 2.47 -21.00 3.10
CA LEU B 265 1.70 -21.67 4.15
C LEU B 265 1.86 -23.20 4.06
N LYS B 266 2.30 -23.71 2.91
CA LYS B 266 2.55 -25.15 2.74
C LYS B 266 3.62 -25.65 3.71
N GLU B 267 4.49 -24.74 4.19
CA GLU B 267 5.54 -25.08 5.14
C GLU B 267 5.09 -24.86 6.57
N LYS B 268 3.86 -24.34 6.77
CA LYS B 268 3.55 -23.75 8.05
C LYS B 268 2.32 -24.42 8.68
N ILE B 269 1.26 -24.62 7.88
CA ILE B 269 0.00 -25.17 8.38
C ILE B 269 0.07 -26.70 8.41
N THR B 270 -0.72 -27.31 9.31
CA THR B 270 -0.70 -28.73 9.60
C THR B 270 -1.98 -29.37 9.06
N PHE B 271 -2.76 -28.58 8.30
CA PHE B 271 -3.86 -29.13 7.54
C PHE B 271 -3.55 -28.88 6.08
N LYS B 272 -4.37 -29.50 5.23
CA LYS B 272 -4.18 -29.48 3.79
C LYS B 272 -4.32 -28.04 3.27
N TYR B 273 -3.25 -27.57 2.62
CA TYR B 273 -3.29 -26.37 1.81
C TYR B 273 -4.11 -26.65 0.56
N ASP B 274 -5.16 -25.86 0.34
CA ASP B 274 -6.08 -26.06 -0.77
C ASP B 274 -6.37 -24.69 -1.40
N ILE B 275 -5.96 -24.50 -2.66
CA ILE B 275 -6.14 -23.23 -3.32
C ILE B 275 -7.59 -22.77 -3.18
N GLU B 276 -8.56 -23.69 -3.31
CA GLU B 276 -9.96 -23.31 -3.24
C GLU B 276 -10.27 -22.73 -1.86
N ARG B 277 -9.66 -23.29 -0.80
CA ARG B 277 -9.93 -22.84 0.54
C ARG B 277 -9.24 -21.51 0.83
N ILE B 278 -8.09 -21.27 0.19
CA ILE B 278 -7.30 -20.06 0.34
C ILE B 278 -8.05 -18.90 -0.35
N ILE B 279 -8.54 -19.18 -1.55
CA ILE B 279 -9.37 -18.23 -2.28
C ILE B 279 -10.58 -17.81 -1.44
N ASP B 280 -11.19 -18.74 -0.71
CA ASP B 280 -12.35 -18.38 0.09
C ASP B 280 -11.99 -17.37 1.18
N ASP B 281 -10.83 -17.57 1.84
CA ASP B 281 -10.35 -16.65 2.86
C ASP B 281 -9.90 -15.31 2.26
N TRP B 282 -9.27 -15.37 1.08
CA TRP B 282 -8.91 -14.19 0.32
C TRP B 282 -10.16 -13.36 0.06
N ILE B 283 -11.23 -14.03 -0.38
CA ILE B 283 -12.51 -13.37 -0.61
C ILE B 283 -13.01 -12.72 0.68
N LEU B 284 -12.94 -13.43 1.81
CA LEU B 284 -13.43 -12.89 3.07
C LEU B 284 -12.68 -11.62 3.46
N MET B 285 -11.38 -11.59 3.19
CA MET B 285 -10.55 -10.44 3.55
C MET B 285 -10.91 -9.25 2.67
N GLY B 286 -11.19 -9.51 1.39
CA GLY B 286 -11.65 -8.48 0.46
C GLY B 286 -12.94 -7.81 0.96
N PHE B 287 -13.82 -8.62 1.58
CA PHE B 287 -15.05 -8.13 2.17
C PHE B 287 -14.76 -7.25 3.37
N LEU B 288 -13.66 -7.53 4.07
CA LEU B 288 -13.42 -6.83 5.32
C LEU B 288 -13.01 -5.41 5.02
N VAL B 289 -12.54 -5.17 3.80
CA VAL B 289 -12.04 -3.86 3.45
C VAL B 289 -13.00 -3.19 2.47
N GLY B 290 -14.03 -3.89 2.02
CA GLY B 290 -14.99 -3.32 1.09
C GLY B 290 -15.76 -2.18 1.75
N ASN B 291 -15.95 -1.06 1.02
CA ASN B 291 -16.75 0.07 1.49
C ASN B 291 -18.04 0.17 0.70
N ASP B 292 -18.24 -0.83 -0.18
CA ASP B 292 -19.31 -0.90 -1.16
C ASP B 292 -20.53 -1.59 -0.52
N PHE B 293 -20.41 -1.94 0.76
CA PHE B 293 -21.52 -2.58 1.47
C PHE B 293 -21.70 -1.91 2.84
N ILE B 294 -20.77 -2.17 3.76
CA ILE B 294 -20.71 -1.35 4.96
C ILE B 294 -19.37 -0.60 5.01
N PRO B 295 -19.42 0.73 4.77
CA PRO B 295 -18.22 1.58 4.74
C PRO B 295 -17.48 1.68 6.07
N HIS B 296 -16.16 1.89 5.99
CA HIS B 296 -15.43 2.27 7.17
C HIS B 296 -15.32 3.80 7.23
N LEU B 297 -15.24 4.33 8.46
CA LEU B 297 -14.99 5.75 8.72
C LEU B 297 -13.89 6.26 7.79
N PRO B 298 -14.10 7.38 7.04
CA PRO B 298 -13.14 7.84 6.01
C PRO B 298 -11.68 8.01 6.44
N HIS B 299 -11.47 8.33 7.73
CA HIS B 299 -10.17 8.71 8.28
C HIS B 299 -9.37 7.49 8.72
N LEU B 300 -9.91 6.27 8.58
CA LEU B 300 -9.20 5.04 8.92
C LEU B 300 -8.45 4.49 7.70
N HIS B 301 -8.78 5.02 6.52
CA HIS B 301 -8.12 4.62 5.28
C HIS B 301 -8.13 3.10 5.11
N ILE B 302 -9.15 2.43 5.65
CA ILE B 302 -9.36 1.02 5.37
C ILE B 302 -9.98 0.88 3.99
N ASN B 303 -9.16 0.45 3.05
CA ASN B 303 -9.57 0.13 1.69
C ASN B 303 -8.62 -0.96 1.19
N HIS B 304 -8.45 -0.98 -0.14
CA HIS B 304 -7.66 -1.97 -0.89
C HIS B 304 -6.20 -1.98 -0.42
N ASP B 305 -5.64 -0.79 -0.16
CA ASP B 305 -4.27 -0.66 0.27
C ASP B 305 -4.03 -1.34 1.62
N ALA B 306 -5.09 -1.58 2.40
CA ALA B 306 -4.94 -2.32 3.65
C ALA B 306 -4.86 -3.82 3.43
N LEU B 307 -5.20 -4.31 2.23
CA LEU B 307 -5.22 -5.73 2.00
C LEU B 307 -3.88 -6.40 2.34
N PRO B 308 -2.73 -5.92 1.82
CA PRO B 308 -1.43 -6.51 2.15
C PRO B 308 -1.26 -6.74 3.65
N LEU B 309 -1.80 -5.82 4.47
CA LEU B 309 -1.73 -5.97 5.91
C LEU B 309 -2.61 -7.14 6.37
N LEU B 310 -3.78 -7.31 5.75
CA LEU B 310 -4.69 -8.39 6.09
C LEU B 310 -4.12 -9.74 5.65
N TYR B 311 -3.48 -9.75 4.47
CA TYR B 311 -2.81 -10.94 3.95
C TYR B 311 -1.67 -11.33 4.88
N GLY B 312 -0.83 -10.33 5.19
CA GLY B 312 0.27 -10.49 6.14
C GLY B 312 -0.19 -11.16 7.43
N THR B 313 -1.34 -10.73 7.96
CA THR B 313 -1.76 -11.14 9.30
C THR B 313 -2.35 -12.55 9.22
N TYR B 314 -2.90 -12.83 8.05
CA TYR B 314 -3.52 -14.12 7.78
C TYR B 314 -2.41 -15.18 7.75
N VAL B 315 -1.35 -14.90 6.99
CA VAL B 315 -0.24 -15.84 6.90
C VAL B 315 0.28 -16.16 8.30
N THR B 316 0.45 -15.11 9.12
CA THR B 316 1.03 -15.24 10.45
C THR B 316 0.17 -16.12 11.34
N ILE B 317 -1.16 -15.96 11.27
CA ILE B 317 -1.99 -16.53 12.31
C ILE B 317 -2.62 -17.86 11.89
N LEU B 318 -2.76 -18.10 10.57
CA LEU B 318 -3.44 -19.29 10.07
C LEU B 318 -2.96 -20.56 10.78
N PRO B 319 -1.64 -20.78 11.01
CA PRO B 319 -1.22 -21.98 11.75
C PRO B 319 -1.83 -22.23 13.13
N GLU B 320 -2.03 -21.16 13.92
CA GLU B 320 -2.63 -21.36 15.24
C GLU B 320 -4.15 -21.60 15.16
N LEU B 321 -4.74 -21.47 13.97
CA LEU B 321 -6.19 -21.47 13.85
C LEU B 321 -6.74 -22.89 13.74
N GLY B 322 -6.02 -23.76 13.03
CA GLY B 322 -6.38 -25.17 12.92
C GLY B 322 -7.27 -25.47 11.70
N GLY B 323 -7.50 -24.47 10.84
CA GLY B 323 -8.37 -24.61 9.69
C GLY B 323 -8.71 -23.24 9.10
N TYR B 324 -9.52 -23.21 8.03
CA TYR B 324 -9.83 -21.96 7.34
C TYR B 324 -10.93 -21.18 8.08
N ILE B 325 -11.07 -19.89 7.75
CA ILE B 325 -12.02 -19.03 8.46
C ILE B 325 -13.36 -19.02 7.75
N ASN B 326 -13.33 -18.79 6.43
CA ASN B 326 -14.53 -18.81 5.59
C ASN B 326 -14.64 -20.20 4.97
N GLU B 327 -15.41 -21.08 5.63
CA GLU B 327 -15.55 -22.47 5.22
C GLU B 327 -16.72 -22.61 4.26
N SER B 328 -16.44 -22.39 2.97
CA SER B 328 -17.44 -22.47 1.91
C SER B 328 -18.68 -21.64 2.27
N GLY B 329 -18.43 -20.43 2.79
CA GLY B 329 -19.50 -19.49 3.08
C GLY B 329 -19.95 -19.53 4.52
N HIS B 330 -19.43 -20.49 5.32
CA HIS B 330 -19.82 -20.55 6.72
C HIS B 330 -18.67 -19.98 7.53
N LEU B 331 -18.95 -18.88 8.23
CA LEU B 331 -17.95 -18.19 9.01
C LEU B 331 -17.69 -19.02 10.26
N ASN B 332 -16.43 -19.43 10.43
CA ASN B 332 -16.00 -20.05 11.66
C ASN B 332 -15.76 -18.94 12.68
N LEU B 333 -16.64 -18.84 13.69
CA LEU B 333 -16.63 -17.68 14.58
C LEU B 333 -15.41 -17.66 15.49
N PRO B 334 -14.96 -18.79 16.10
CA PRO B 334 -13.75 -18.78 16.95
C PRO B 334 -12.50 -18.38 16.17
N ARG B 335 -12.36 -18.99 14.99
CA ARG B 335 -11.29 -18.67 14.06
C ARG B 335 -11.33 -17.17 13.74
N PHE B 336 -12.49 -16.69 13.28
CA PHE B 336 -12.68 -15.30 12.89
C PHE B 336 -12.31 -14.34 14.03
N GLU B 337 -12.75 -14.64 15.26
CA GLU B 337 -12.45 -13.77 16.39
C GLU B 337 -10.94 -13.60 16.60
N LYS B 338 -10.15 -14.67 16.40
CA LYS B 338 -8.71 -14.60 16.66
C LYS B 338 -8.01 -13.76 15.60
N TYR B 339 -8.47 -13.92 14.35
CA TYR B 339 -7.91 -13.20 13.21
C TYR B 339 -8.11 -11.69 13.39
N LEU B 340 -9.31 -11.31 13.81
CA LEU B 340 -9.68 -9.92 14.03
C LEU B 340 -8.84 -9.34 15.15
N VAL B 341 -8.82 -10.02 16.31
CA VAL B 341 -8.03 -9.59 17.45
C VAL B 341 -6.60 -9.21 17.00
N LYS B 342 -5.98 -10.08 16.20
CA LYS B 342 -4.63 -9.82 15.70
C LYS B 342 -4.62 -8.65 14.71
N LEU B 343 -5.61 -8.61 13.81
CA LEU B 343 -5.66 -7.57 12.80
C LEU B 343 -5.90 -6.19 13.43
N SER B 344 -6.50 -6.16 14.63
CA SER B 344 -6.99 -4.98 15.32
C SER B 344 -5.89 -3.98 15.69
N ASP B 345 -4.63 -4.41 15.56
CA ASP B 345 -3.53 -3.52 15.92
C ASP B 345 -3.61 -2.26 15.06
N PHE B 346 -4.09 -2.43 13.83
CA PHE B 346 -4.19 -1.37 12.84
C PHE B 346 -4.78 -0.09 13.44
N ASP B 347 -5.69 -0.23 14.41
CA ASP B 347 -6.46 0.90 14.92
C ASP B 347 -5.61 1.82 15.78
N ARG B 348 -4.69 1.21 16.55
CA ARG B 348 -3.81 1.96 17.43
C ARG B 348 -2.70 2.61 16.62
N GLU B 349 -2.26 1.92 15.57
CA GLU B 349 -1.32 2.49 14.62
C GLU B 349 -1.88 3.84 14.17
N HIS B 350 -3.17 3.84 13.82
CA HIS B 350 -3.85 5.05 13.36
C HIS B 350 -4.05 5.99 14.54
N PHE B 351 -4.48 5.47 15.69
CA PHE B 351 -4.71 6.35 16.81
C PHE B 351 -3.42 7.13 17.14
N SER B 352 -2.28 6.45 17.12
CA SER B 352 -1.00 7.01 17.56
C SER B 352 -0.63 8.29 16.82
N GLU B 353 -1.04 8.43 15.55
CA GLU B 353 -0.78 9.66 14.82
C GLU B 353 -1.56 10.84 15.44
N VAL B 354 -2.64 10.53 16.16
CA VAL B 354 -3.56 11.51 16.71
C VAL B 354 -3.15 11.82 18.14
N PHE B 355 -2.81 10.78 18.90
CA PHE B 355 -2.34 10.89 20.28
C PHE B 355 -1.07 11.75 20.37
N VAL B 356 -0.19 11.64 19.36
CA VAL B 356 1.06 12.40 19.29
C VAL B 356 0.74 13.90 19.38
N ASP B 357 -0.22 14.37 18.59
CA ASP B 357 -0.57 15.79 18.52
C ASP B 357 -1.12 16.27 19.86
N LEU B 358 -1.70 15.35 20.63
CA LEU B 358 -2.38 15.73 21.87
C LEU B 358 -1.38 16.12 22.96
N LYS B 359 -0.17 15.53 22.93
CA LYS B 359 0.87 15.80 23.92
C LYS B 359 1.27 17.28 23.90
N TRP B 360 1.12 17.91 22.72
CA TRP B 360 1.38 19.33 22.50
C TRP B 360 0.13 20.04 21.95
N LEU B 425 -1.34 5.59 29.73
CA LEU B 425 -2.74 6.05 29.90
C LEU B 425 -3.50 5.84 28.59
N PHE B 426 -2.73 5.53 27.55
CA PHE B 426 -3.17 5.37 26.16
C PHE B 426 -4.61 4.89 26.10
N GLU B 427 -4.95 3.86 26.90
CA GLU B 427 -6.24 3.19 26.86
C GLU B 427 -7.38 4.18 27.01
N THR B 428 -7.31 5.00 28.08
CA THR B 428 -8.32 6.02 28.36
C THR B 428 -8.48 6.92 27.13
N GLU B 429 -7.37 7.14 26.40
CA GLU B 429 -7.38 8.10 25.30
C GLU B 429 -7.87 7.42 24.02
N PHE B 430 -7.55 6.13 23.86
CA PHE B 430 -7.94 5.36 22.69
C PHE B 430 -9.44 5.08 22.72
N ARG B 431 -9.95 4.66 23.89
CA ARG B 431 -11.37 4.38 24.09
C ARG B 431 -12.22 5.63 23.93
N GLN B 432 -11.73 6.77 24.45
CA GLN B 432 -12.40 8.05 24.32
C GLN B 432 -12.19 8.61 22.91
N TYR B 433 -11.23 8.04 22.18
CA TYR B 433 -11.10 8.32 20.76
C TYR B 433 -12.23 7.61 20.02
N LYS B 434 -12.44 6.31 20.34
CA LYS B 434 -13.46 5.49 19.73
C LYS B 434 -14.85 6.03 20.09
N ARG B 435 -15.10 6.19 21.40
CA ARG B 435 -16.36 6.70 21.93
C ARG B 435 -16.81 7.93 21.14
N THR B 436 -15.89 8.88 20.92
CA THR B 436 -16.22 10.13 20.25
C THR B 436 -16.74 9.87 18.85
N TYR B 437 -16.26 8.80 18.19
CA TYR B 437 -16.69 8.52 16.83
C TYR B 437 -18.09 7.89 16.81
N TYR B 438 -18.32 6.98 17.77
CA TYR B 438 -19.58 6.26 17.93
C TYR B 438 -20.72 7.27 18.11
N MET B 439 -20.42 8.36 18.84
CA MET B 439 -21.35 9.47 19.00
C MET B 439 -21.25 10.39 17.78
N THR B 440 -21.76 9.89 16.64
CA THR B 440 -21.90 10.63 15.39
C THR B 440 -22.78 9.85 14.43
N SER B 448 -22.90 4.29 25.68
CA SER B 448 -23.41 3.04 26.28
C SER B 448 -22.47 1.88 25.94
N ASP B 449 -22.43 0.88 26.85
CA ASP B 449 -21.51 -0.25 26.74
C ASP B 449 -22.14 -1.36 25.88
N ASP B 450 -23.46 -1.54 26.05
CA ASP B 450 -24.21 -2.57 25.35
C ASP B 450 -24.42 -2.18 23.88
N PHE B 451 -24.19 -0.89 23.57
CA PHE B 451 -24.19 -0.40 22.21
C PHE B 451 -23.02 -1.00 21.44
N LEU B 452 -21.88 -1.14 22.12
CA LEU B 452 -20.69 -1.73 21.56
C LEU B 452 -20.96 -3.18 21.14
N ALA B 453 -21.42 -3.99 22.11
CA ALA B 453 -21.61 -5.41 21.90
C ALA B 453 -22.64 -5.67 20.80
N ASP B 454 -23.74 -4.92 20.81
CA ASP B 454 -24.80 -5.07 19.81
C ASP B 454 -24.26 -4.68 18.43
N GLN B 455 -23.44 -3.62 18.38
CA GLN B 455 -22.95 -3.16 17.09
C GLN B 455 -21.96 -4.19 16.57
N ALA B 456 -21.09 -4.66 17.46
CA ALA B 456 -20.18 -5.78 17.21
C ALA B 456 -20.94 -6.98 16.65
N ALA B 457 -22.02 -7.40 17.34
CA ALA B 457 -22.78 -8.58 16.97
C ALA B 457 -23.41 -8.45 15.59
N CYS B 458 -23.99 -7.27 15.32
CA CYS B 458 -24.63 -6.96 14.05
C CYS B 458 -23.62 -7.01 12.92
N TYR B 459 -22.40 -6.59 13.22
CA TYR B 459 -21.34 -6.56 12.23
C TYR B 459 -20.97 -7.98 11.82
N VAL B 460 -20.83 -8.87 12.81
CA VAL B 460 -20.53 -10.26 12.53
C VAL B 460 -21.66 -10.88 11.71
N GLN B 461 -22.91 -10.58 12.12
CA GLN B 461 -24.09 -11.04 11.42
C GLN B 461 -24.03 -10.56 9.98
N ALA B 462 -23.63 -9.30 9.81
CA ALA B 462 -23.53 -8.73 8.47
C ALA B 462 -22.54 -9.53 7.63
N ILE B 463 -21.40 -9.91 8.23
CA ILE B 463 -20.42 -10.65 7.46
C ILE B 463 -21.02 -11.97 7.04
N GLN B 464 -21.67 -12.66 7.99
CA GLN B 464 -22.28 -13.95 7.67
C GLN B 464 -23.35 -13.75 6.58
N TRP B 465 -24.10 -12.62 6.65
CA TRP B 465 -25.16 -12.40 5.68
C TRP B 465 -24.57 -12.32 4.28
N ILE B 466 -23.49 -11.54 4.13
CA ILE B 466 -22.79 -11.33 2.88
CA ILE B 466 -22.86 -11.35 2.83
C ILE B 466 -22.22 -12.65 2.36
N LEU B 467 -21.61 -13.44 3.27
CA LEU B 467 -21.03 -14.72 2.86
C LEU B 467 -22.12 -15.62 2.29
N HIS B 468 -23.23 -15.77 3.04
CA HIS B 468 -24.42 -16.48 2.53
C HIS B 468 -24.82 -15.97 1.14
N TYR B 469 -24.92 -14.63 0.99
CA TYR B 469 -25.40 -14.05 -0.26
C TYR B 469 -24.58 -14.58 -1.44
N TYR B 470 -23.25 -14.65 -1.24
CA TYR B 470 -22.32 -15.00 -2.30
C TYR B 470 -22.30 -16.51 -2.58
N TYR B 471 -22.35 -17.33 -1.54
CA TYR B 471 -22.06 -18.75 -1.71
C TYR B 471 -23.35 -19.56 -1.80
N HIS B 472 -24.39 -19.11 -1.08
CA HIS B 472 -25.60 -19.91 -0.93
C HIS B 472 -26.84 -19.19 -1.48
N GLY B 473 -26.77 -17.88 -1.70
CA GLY B 473 -27.97 -17.14 -2.06
C GLY B 473 -28.55 -16.49 -0.80
N VAL B 474 -29.56 -15.65 -0.99
CA VAL B 474 -30.05 -14.77 0.07
C VAL B 474 -30.62 -15.64 1.18
N GLN B 475 -30.23 -15.36 2.42
CA GLN B 475 -30.68 -16.16 3.54
C GLN B 475 -31.63 -15.36 4.41
N SER B 476 -31.76 -14.05 4.11
CA SER B 476 -32.77 -13.20 4.72
C SER B 476 -33.03 -12.00 3.82
N TRP B 477 -34.30 -11.84 3.47
CA TRP B 477 -34.74 -10.73 2.63
C TRP B 477 -35.00 -9.49 3.47
N SER B 478 -35.15 -9.67 4.79
CA SER B 478 -35.55 -8.58 5.66
C SER B 478 -34.38 -8.04 6.48
N TRP B 479 -33.35 -8.86 6.75
CA TRP B 479 -32.25 -8.41 7.59
C TRP B 479 -31.54 -7.19 7.00
N TYR B 480 -31.11 -6.26 7.86
CA TYR B 480 -30.23 -5.20 7.40
C TYR B 480 -29.31 -4.78 8.54
N TYR B 481 -28.23 -4.07 8.17
CA TYR B 481 -27.25 -3.58 9.14
C TYR B 481 -27.67 -2.17 9.56
N PRO B 482 -28.09 -1.96 10.83
CA PRO B 482 -28.72 -0.70 11.23
C PRO B 482 -27.80 0.44 11.70
N TYR B 483 -26.63 0.60 11.04
CA TYR B 483 -25.77 1.74 11.36
C TYR B 483 -25.16 2.25 10.07
N HIS B 484 -24.71 3.51 10.04
CA HIS B 484 -24.11 4.03 8.81
C HIS B 484 -22.65 3.57 8.65
N TYR B 485 -22.00 3.11 9.73
CA TYR B 485 -20.58 2.76 9.65
C TYR B 485 -20.30 1.46 10.41
N ALA B 486 -19.18 0.80 10.02
CA ALA B 486 -18.65 -0.38 10.69
C ALA B 486 -18.17 0.01 12.08
N PRO B 487 -18.13 -0.93 13.06
CA PRO B 487 -17.46 -0.63 14.34
C PRO B 487 -15.95 -0.64 14.08
N PHE B 488 -15.16 -0.15 15.05
CA PHE B 488 -13.72 -0.32 15.04
C PHE B 488 -13.42 -1.80 15.29
N LEU B 489 -12.52 -2.38 14.47
CA LEU B 489 -12.22 -3.80 14.54
C LEU B 489 -11.84 -4.20 15.97
N SER B 490 -11.10 -3.32 16.65
CA SER B 490 -10.60 -3.55 17.99
C SER B 490 -11.75 -3.71 18.98
N ASP B 491 -12.99 -3.49 18.50
CA ASP B 491 -14.19 -3.52 19.31
C ASP B 491 -15.03 -4.79 19.06
N ILE B 492 -14.59 -5.61 18.09
CA ILE B 492 -15.31 -6.83 17.73
C ILE B 492 -14.65 -8.03 18.43
N HIS B 493 -15.27 -8.44 19.55
CA HIS B 493 -14.78 -9.53 20.37
C HIS B 493 -15.90 -10.05 21.28
N ASN B 494 -15.69 -11.26 21.81
CA ASN B 494 -16.72 -12.01 22.51
C ASN B 494 -17.78 -12.48 21.52
N ILE B 495 -17.34 -12.80 20.30
CA ILE B 495 -18.27 -13.12 19.23
C ILE B 495 -18.23 -14.62 18.92
N SER B 496 -17.41 -15.39 19.65
CA SER B 496 -17.05 -16.71 19.14
C SER B 496 -18.21 -17.71 19.31
N THR B 497 -19.12 -17.43 20.24
CA THR B 497 -20.28 -18.28 20.45
C THR B 497 -21.58 -17.47 20.25
N LEU B 498 -21.49 -16.43 19.42
CA LEU B 498 -22.63 -15.61 19.04
C LEU B 498 -23.61 -16.42 18.19
N LYS B 499 -24.91 -16.22 18.44
CA LYS B 499 -25.94 -17.04 17.81
C LYS B 499 -26.53 -16.25 16.65
N ILE B 500 -26.32 -16.78 15.44
CA ILE B 500 -26.65 -16.11 14.18
C ILE B 500 -27.77 -16.87 13.50
N HIS B 501 -29.00 -16.38 13.66
CA HIS B 501 -30.15 -17.04 13.07
C HIS B 501 -30.84 -16.08 12.11
N PHE B 502 -30.99 -16.50 10.85
CA PHE B 502 -31.67 -15.72 9.82
C PHE B 502 -33.04 -16.32 9.51
N GLU B 503 -34.02 -15.44 9.27
CA GLU B 503 -35.31 -15.79 8.71
C GLU B 503 -35.32 -15.45 7.23
N LEU B 504 -35.62 -16.42 6.36
CA LEU B 504 -35.60 -16.15 4.94
C LEU B 504 -36.54 -15.00 4.56
N GLY B 505 -37.73 -14.92 5.16
CA GLY B 505 -38.72 -13.93 4.78
C GLY B 505 -39.02 -14.00 3.28
N LYS B 506 -39.33 -12.86 2.64
CA LYS B 506 -39.65 -12.86 1.23
C LYS B 506 -39.41 -11.48 0.64
N PRO B 507 -39.25 -11.36 -0.69
CA PRO B 507 -39.02 -10.05 -1.31
C PRO B 507 -40.22 -9.10 -1.14
N PHE B 508 -39.93 -7.80 -1.07
CA PHE B 508 -40.98 -6.79 -1.13
C PHE B 508 -41.70 -6.85 -2.47
N LYS B 509 -42.98 -6.46 -2.49
CA LYS B 509 -43.64 -6.18 -3.76
C LYS B 509 -42.97 -4.93 -4.32
N PRO B 510 -42.87 -4.76 -5.67
CA PRO B 510 -42.20 -3.60 -6.25
C PRO B 510 -42.48 -2.23 -5.62
N PHE B 511 -43.76 -1.94 -5.30
CA PHE B 511 -44.18 -0.63 -4.84
C PHE B 511 -43.71 -0.40 -3.40
N GLU B 512 -43.72 -1.45 -2.57
CA GLU B 512 -43.16 -1.39 -1.24
C GLU B 512 -41.69 -1.01 -1.39
N GLN B 513 -41.04 -1.64 -2.37
CA GLN B 513 -39.63 -1.39 -2.65
C GLN B 513 -39.42 0.07 -3.07
N LEU B 514 -40.25 0.54 -4.00
CA LEU B 514 -40.18 1.93 -4.49
C LEU B 514 -40.22 2.94 -3.35
N LEU B 515 -41.11 2.72 -2.39
CA LEU B 515 -41.27 3.66 -1.30
C LEU B 515 -40.09 3.54 -0.36
N ALA B 516 -39.40 2.41 -0.39
CA ALA B 516 -38.30 2.18 0.53
C ALA B 516 -36.95 2.66 -0.04
N VAL B 517 -36.93 3.12 -1.31
CA VAL B 517 -35.65 3.44 -1.93
C VAL B 517 -35.69 4.85 -2.54
N LEU B 518 -36.88 5.44 -2.74
CA LEU B 518 -37.03 6.68 -3.48
C LEU B 518 -37.12 7.92 -2.56
N PRO B 519 -36.53 9.08 -2.96
CA PRO B 519 -36.79 10.34 -2.25
C PRO B 519 -38.08 10.99 -2.73
N ALA B 520 -38.60 11.93 -1.94
CA ALA B 520 -39.79 12.70 -2.31
C ALA B 520 -39.62 13.37 -3.65
N ALA B 521 -38.38 13.73 -4.00
CA ALA B 521 -38.16 14.39 -5.28
C ALA B 521 -38.53 13.48 -6.45
N SER B 522 -38.66 12.17 -6.19
CA SER B 522 -38.92 11.18 -7.23
C SER B 522 -40.36 10.63 -7.14
N LYS B 523 -41.21 11.30 -6.35
CA LYS B 523 -42.52 10.77 -5.98
C LYS B 523 -43.36 10.40 -7.21
N ASN B 524 -43.12 11.06 -8.35
CA ASN B 524 -43.88 10.86 -9.59
C ASN B 524 -43.67 9.48 -10.17
N LEU B 525 -42.70 8.74 -9.63
CA LEU B 525 -42.37 7.42 -10.13
C LEU B 525 -43.34 6.41 -9.54
N LEU B 526 -43.98 6.82 -8.45
CA LEU B 526 -44.92 5.97 -7.75
C LEU B 526 -46.34 6.14 -8.27
N PRO B 527 -47.24 5.20 -7.95
CA PRO B 527 -48.68 5.41 -8.16
C PRO B 527 -49.15 6.57 -7.29
N ALA B 528 -50.08 7.35 -7.86
CA ALA B 528 -50.76 8.46 -7.20
C ALA B 528 -51.15 8.12 -5.76
N CYS B 529 -51.64 6.90 -5.53
CA CYS B 529 -52.22 6.57 -4.24
C CYS B 529 -51.18 6.56 -3.10
N TYR B 530 -49.88 6.53 -3.45
CA TYR B 530 -48.81 6.44 -2.46
C TYR B 530 -48.08 7.77 -2.27
N GLN B 531 -48.14 8.64 -3.29
CA GLN B 531 -47.34 9.85 -3.39
C GLN B 531 -47.37 10.70 -2.10
N HIS B 532 -48.53 10.83 -1.47
CA HIS B 532 -48.65 11.67 -0.30
C HIS B 532 -47.80 11.16 0.87
N LEU B 533 -47.46 9.86 0.90
CA LEU B 533 -46.71 9.32 2.03
C LEU B 533 -45.32 9.97 2.09
N MET B 534 -44.85 10.45 0.94
CA MET B 534 -43.51 10.99 0.82
C MET B 534 -43.51 12.52 0.96
N THR B 535 -44.67 13.19 0.77
CA THR B 535 -44.73 14.64 0.62
C THR B 535 -45.46 15.33 1.78
N ASN B 536 -46.47 14.68 2.32
CA ASN B 536 -47.44 15.38 3.16
C ASN B 536 -46.92 15.44 4.60
N GLU B 537 -46.96 16.63 5.20
CA GLU B 537 -46.42 16.87 6.53
C GLU B 537 -47.02 15.92 7.57
N ASP B 538 -48.25 15.46 7.33
CA ASP B 538 -48.95 14.59 8.27
C ASP B 538 -48.82 13.10 7.92
N SER B 539 -48.13 12.78 6.82
CA SER B 539 -47.81 11.37 6.50
C SER B 539 -47.15 10.68 7.70
N PRO B 540 -47.60 9.45 8.08
CA PRO B 540 -47.04 8.72 9.22
C PRO B 540 -45.57 8.33 9.13
N ILE B 541 -44.99 8.48 7.93
CA ILE B 541 -43.62 8.10 7.66
C ILE B 541 -42.90 9.26 6.96
N ILE B 542 -43.38 10.49 7.21
CA ILE B 542 -42.80 11.68 6.60
C ILE B 542 -41.30 11.77 6.94
N GLU B 543 -40.92 11.29 8.13
CA GLU B 543 -39.53 11.44 8.56
C GLU B 543 -38.54 10.64 7.71
N TYR B 544 -39.00 9.71 6.86
CA TYR B 544 -38.10 8.89 6.05
C TYR B 544 -37.79 9.59 4.74
N TYR B 545 -38.40 10.75 4.50
CA TYR B 545 -38.24 11.42 3.21
C TYR B 545 -37.72 12.85 3.39
N PRO B 546 -36.66 13.11 4.21
CA PRO B 546 -36.22 14.49 4.45
C PRO B 546 -35.76 15.12 3.14
N PRO B 547 -36.17 16.36 2.81
CA PRO B 547 -35.64 17.07 1.64
C PRO B 547 -34.15 17.41 1.70
N ASP B 548 -33.62 17.65 2.91
CA ASP B 548 -32.21 17.96 3.05
C ASP B 548 -31.62 17.00 4.09
N PHE B 549 -30.35 16.65 3.89
CA PHE B 549 -29.69 15.66 4.73
C PHE B 549 -28.20 15.86 4.53
N LYS B 550 -27.40 15.44 5.51
CA LYS B 550 -25.95 15.54 5.41
C LYS B 550 -25.38 14.35 4.63
N THR B 551 -24.27 14.61 3.94
CA THR B 551 -23.47 13.62 3.22
C THR B 551 -22.01 13.69 3.70
N ASP B 552 -21.36 12.51 3.76
CA ASP B 552 -19.94 12.38 4.05
C ASP B 552 -19.15 12.17 2.74
N ALA B 562 -19.96 7.17 -1.17
CA ALA B 562 -20.65 8.26 -0.42
C ALA B 562 -21.56 7.68 0.66
N VAL B 563 -21.66 8.39 1.79
CA VAL B 563 -22.52 7.96 2.89
C VAL B 563 -23.62 9.01 3.10
N VAL B 564 -24.87 8.60 2.88
CA VAL B 564 -26.02 9.50 2.94
C VAL B 564 -26.69 9.33 4.31
N LEU B 565 -26.77 10.43 5.08
CA LEU B 565 -27.21 10.32 6.47
C LEU B 565 -28.71 10.59 6.57
N ILE B 566 -29.49 9.51 6.33
CA ILE B 566 -30.94 9.53 6.31
C ILE B 566 -31.42 8.37 7.15
N PRO B 567 -32.67 8.40 7.67
CA PRO B 567 -33.15 7.35 8.58
C PRO B 567 -33.30 5.98 7.93
N PHE B 568 -33.25 4.96 8.79
CA PHE B 568 -33.54 3.58 8.44
C PHE B 568 -35.04 3.36 8.60
N ILE B 569 -35.66 2.91 7.50
CA ILE B 569 -37.08 2.65 7.40
C ILE B 569 -37.44 1.47 8.31
N ASP B 570 -38.50 1.62 9.11
CA ASP B 570 -39.02 0.50 9.89
C ASP B 570 -39.99 -0.25 8.99
N GLU B 571 -39.75 -1.56 8.77
CA GLU B 571 -40.52 -2.35 7.81
C GLU B 571 -42.01 -2.31 8.14
N LYS B 572 -42.36 -2.50 9.43
CA LYS B 572 -43.75 -2.54 9.87
C LYS B 572 -44.45 -1.20 9.58
N ARG B 573 -43.76 -0.08 9.85
CA ARG B 573 -44.36 1.22 9.70
C ARG B 573 -44.59 1.53 8.21
N LEU B 574 -43.63 1.14 7.36
CA LEU B 574 -43.78 1.36 5.93
C LEU B 574 -45.02 0.63 5.43
N LEU B 575 -45.13 -0.64 5.79
CA LEU B 575 -46.19 -1.48 5.23
C LEU B 575 -47.54 -1.05 5.81
N GLU B 576 -47.58 -0.84 7.13
CA GLU B 576 -48.78 -0.35 7.79
C GLU B 576 -49.32 0.90 7.10
N ALA B 577 -48.42 1.82 6.70
CA ALA B 577 -48.83 3.10 6.15
C ALA B 577 -49.37 2.96 4.73
N MET B 578 -48.87 1.96 4.00
CA MET B 578 -49.29 1.70 2.64
C MET B 578 -50.67 1.02 2.60
N GLU B 579 -51.02 0.26 3.67
CA GLU B 579 -52.27 -0.51 3.73
C GLU B 579 -53.44 0.36 3.28
N THR B 580 -53.51 1.56 3.87
CA THR B 580 -54.63 2.47 3.74
C THR B 580 -54.75 2.98 2.30
N CYS B 581 -53.75 2.73 1.45
CA CYS B 581 -53.71 3.32 0.13
C CYS B 581 -53.78 2.26 -0.97
N ASN B 582 -53.61 0.99 -0.62
CA ASN B 582 -53.24 -0.03 -1.61
C ASN B 582 -54.38 -0.35 -2.58
N HIS B 583 -55.61 -0.09 -2.14
CA HIS B 583 -56.75 -0.49 -2.95
C HIS B 583 -57.21 0.73 -3.75
N SER B 584 -56.38 1.76 -3.79
CA SER B 584 -56.59 2.90 -4.67
C SER B 584 -55.74 2.74 -5.93
N LEU B 585 -55.12 1.56 -6.12
CA LEU B 585 -54.24 1.22 -7.24
C LEU B 585 -55.04 0.90 -8.50
N LYS B 586 -54.67 1.54 -9.62
CA LYS B 586 -55.28 1.32 -10.92
C LYS B 586 -54.95 -0.08 -11.41
N LYS B 587 -55.62 -0.48 -12.50
CA LYS B 587 -55.56 -1.85 -13.00
C LYS B 587 -54.16 -2.17 -13.51
N GLU B 588 -53.59 -1.29 -14.35
CA GLU B 588 -52.24 -1.51 -14.86
C GLU B 588 -51.21 -1.51 -13.73
N GLU B 589 -51.53 -0.85 -12.61
CA GLU B 589 -50.65 -0.73 -11.47
C GLU B 589 -50.65 -1.98 -10.62
N ARG B 590 -51.83 -2.60 -10.40
CA ARG B 590 -51.88 -3.88 -9.69
C ARG B 590 -51.08 -4.90 -10.50
N LYS B 591 -51.07 -4.74 -11.83
CA LYS B 591 -50.35 -5.63 -12.73
C LYS B 591 -48.83 -5.49 -12.55
N ARG B 592 -48.34 -4.26 -12.31
CA ARG B 592 -46.90 -4.07 -12.10
C ARG B 592 -46.48 -4.54 -10.71
N ASN B 593 -47.42 -4.65 -9.77
CA ASN B 593 -47.04 -4.91 -8.40
C ASN B 593 -46.86 -6.42 -8.18
N GLN B 594 -46.27 -7.12 -9.16
CA GLN B 594 -46.16 -8.57 -9.02
C GLN B 594 -44.72 -9.02 -9.32
N HIS B 595 -44.31 -10.18 -8.76
CA HIS B 595 -43.07 -10.85 -9.14
C HIS B 595 -43.37 -11.71 -10.36
N SER B 596 -42.34 -12.02 -11.14
CA SER B 596 -42.56 -12.73 -12.39
C SER B 596 -41.28 -13.48 -12.76
N GLU B 597 -41.39 -14.50 -13.63
CA GLU B 597 -40.35 -15.53 -13.76
C GLU B 597 -39.28 -15.19 -14.80
N CYS B 598 -38.12 -15.82 -14.63
CA CYS B 598 -37.02 -15.80 -15.60
C CYS B 598 -37.46 -16.58 -16.84
N LEU B 599 -37.06 -16.11 -18.04
CA LEU B 599 -37.36 -16.75 -19.32
C LEU B 599 -36.13 -17.49 -19.85
N MET B 600 -36.33 -18.70 -20.37
CA MET B 600 -35.30 -19.41 -21.09
C MET B 600 -35.75 -19.53 -22.55
N CYS B 601 -34.93 -19.07 -23.51
CA CYS B 601 -35.41 -18.87 -24.88
C CYS B 601 -34.38 -19.42 -25.84
N TRP B 602 -34.84 -19.98 -26.98
CA TRP B 602 -33.96 -20.47 -28.03
C TRP B 602 -34.70 -20.54 -29.36
N TYR B 603 -33.93 -20.49 -30.46
CA TYR B 603 -34.48 -20.61 -31.80
C TYR B 603 -34.96 -22.05 -32.04
N ASP B 604 -36.08 -22.18 -32.76
CA ASP B 604 -36.59 -23.50 -33.11
C ASP B 604 -37.15 -23.45 -34.54
N ARG B 605 -36.69 -24.41 -35.37
CA ARG B 605 -36.96 -24.49 -36.80
C ARG B 605 -38.45 -24.72 -37.06
N ASP B 606 -39.21 -24.99 -35.99
CA ASP B 606 -40.54 -25.56 -36.09
C ASP B 606 -41.50 -24.65 -35.32
N THR B 607 -41.18 -23.34 -35.27
CA THR B 607 -41.94 -22.32 -34.54
C THR B 607 -42.19 -21.10 -35.45
N GLU B 608 -43.45 -20.64 -35.44
CA GLU B 608 -43.80 -19.42 -36.16
C GLU B 608 -45.05 -18.83 -35.54
N PHE B 609 -44.97 -17.51 -35.24
CA PHE B 609 -46.07 -16.76 -34.65
C PHE B 609 -45.73 -15.29 -34.77
N ILE B 610 -46.72 -14.44 -34.51
CA ILE B 610 -46.54 -13.00 -34.57
C ILE B 610 -46.23 -12.48 -33.18
N TYR B 611 -45.04 -11.86 -33.07
CA TYR B 611 -44.58 -11.18 -31.85
C TYR B 611 -44.84 -9.68 -32.05
N PRO B 612 -45.77 -9.08 -31.27
CA PRO B 612 -46.15 -7.68 -31.46
C PRO B 612 -45.06 -6.72 -31.01
N SER B 613 -44.82 -5.67 -31.80
CA SER B 613 -43.93 -4.57 -31.41
C SER B 613 -44.35 -4.02 -30.05
N PRO B 614 -43.40 -3.68 -29.16
CA PRO B 614 -43.75 -3.04 -27.88
C PRO B 614 -44.16 -1.57 -28.06
N TRP B 615 -43.71 -0.97 -29.16
CA TRP B 615 -43.97 0.41 -29.55
C TRP B 615 -44.03 0.50 -31.07
N PRO B 616 -45.21 0.25 -31.70
CA PRO B 616 -45.30 0.19 -33.17
C PRO B 616 -44.64 1.30 -34.00
N GLU B 617 -44.66 2.54 -33.49
CA GLU B 617 -44.17 3.69 -34.24
C GLU B 617 -42.65 3.67 -34.40
N LYS B 618 -41.95 2.91 -33.55
CA LYS B 618 -40.50 2.95 -33.54
C LYS B 618 -39.88 1.63 -34.04
N PHE B 619 -40.57 0.51 -33.79
CA PHE B 619 -39.99 -0.80 -34.06
C PHE B 619 -41.03 -1.72 -34.70
N PRO B 620 -40.64 -2.52 -35.72
CA PRO B 620 -41.55 -3.45 -36.37
C PRO B 620 -42.05 -4.53 -35.43
N ALA B 621 -43.26 -5.06 -35.70
CA ALA B 621 -43.67 -6.33 -35.13
C ALA B 621 -42.77 -7.43 -35.70
N ILE B 622 -42.72 -8.58 -35.01
CA ILE B 622 -41.97 -9.72 -35.54
C ILE B 622 -42.97 -10.64 -36.23
N GLU B 623 -42.95 -10.58 -37.58
CA GLU B 623 -43.86 -11.31 -38.44
C GLU B 623 -43.79 -12.80 -38.11
N ARG B 624 -42.55 -13.33 -38.17
CA ARG B 624 -42.26 -14.76 -38.16
C ARG B 624 -41.28 -15.03 -37.03
N CYS B 625 -41.82 -15.14 -35.80
CA CYS B 625 -41.02 -15.29 -34.59
C CYS B 625 -40.79 -16.78 -34.31
N CYS B 626 -39.52 -17.18 -34.18
CA CYS B 626 -39.19 -18.59 -34.08
C CYS B 626 -38.76 -18.97 -32.66
N THR B 627 -39.21 -18.23 -31.66
CA THR B 627 -38.66 -18.43 -30.34
C THR B 627 -39.45 -19.53 -29.64
N ARG B 628 -38.74 -20.50 -29.08
CA ARG B 628 -39.32 -21.42 -28.11
C ARG B 628 -38.84 -21.02 -26.71
N TYR B 629 -39.72 -21.18 -25.72
CA TYR B 629 -39.53 -20.64 -24.39
C TYR B 629 -39.76 -21.76 -23.41
N LYS B 630 -39.06 -21.72 -22.29
CA LYS B 630 -39.39 -22.41 -21.06
C LYS B 630 -39.37 -21.35 -19.96
N ILE B 631 -40.44 -21.28 -19.17
CA ILE B 631 -40.47 -20.35 -18.06
C ILE B 631 -39.87 -21.06 -16.85
N ILE B 632 -38.98 -20.36 -16.11
CA ILE B 632 -38.32 -20.93 -14.95
C ILE B 632 -39.06 -20.50 -13.68
N SER B 633 -39.54 -21.47 -12.91
CA SER B 633 -40.25 -21.15 -11.70
C SER B 633 -39.35 -20.35 -10.74
N LEU B 634 -39.96 -19.42 -9.99
CA LEU B 634 -39.22 -18.56 -9.07
C LEU B 634 -38.31 -19.37 -8.13
N ASP B 635 -38.78 -20.48 -7.56
CA ASP B 635 -37.92 -21.14 -6.56
C ASP B 635 -36.96 -22.14 -7.20
N ALA B 636 -36.92 -22.22 -8.55
CA ALA B 636 -36.36 -23.38 -9.23
C ALA B 636 -34.89 -23.59 -8.85
N TRP B 637 -34.13 -22.50 -8.78
CA TRP B 637 -32.68 -22.62 -8.56
C TRP B 637 -32.29 -22.35 -7.11
N ARG B 638 -33.28 -22.16 -6.25
CA ARG B 638 -33.02 -21.92 -4.84
C ARG B 638 -32.70 -23.25 -4.13
N VAL B 639 -31.56 -23.24 -3.44
CA VAL B 639 -31.13 -24.32 -2.57
C VAL B 639 -31.32 -23.89 -1.11
N ASP B 640 -31.80 -24.82 -0.27
CA ASP B 640 -31.99 -24.61 1.14
C ASP B 640 -30.73 -25.08 1.86
N ILE B 641 -30.24 -24.32 2.85
CA ILE B 641 -29.12 -24.79 3.66
C ILE B 641 -29.53 -26.04 4.47
#